data_4C0Y
#
_entry.id   4C0Y
#
_cell.length_a   1.000
_cell.length_b   1.000
_cell.length_c   1.000
_cell.angle_alpha   90.00
_cell.angle_beta   90.00
_cell.angle_gamma   90.00
#
_symmetry.space_group_name_H-M   'P 1'
#
loop_
_entity.id
_entity.type
_entity.pdbx_description
1 polymer VP1
2 polymer VP2
3 polymer VP3
4 polymer 'FAB EV18 4 D6-1 F1 G9'
5 polymer 'FAB EV18 4 D6-1 F1 G9'
#
loop_
_entity_poly.entity_id
_entity_poly.type
_entity_poly.pdbx_seq_one_letter_code
_entity_poly.pdbx_strand_id
1 'polypeptide(L)'
;GDRVADVIESSIGDSVSRALTQALPAPTGQNTQVSSHRLDTGEVPALQAAEIGASSNTSDESMIETRCVLNSHSTAETTL
DSFFSRAGLVGEIDLPLEGTTNPNGYANWDIDITGYAQMRRKVELFTYMRFDAEFTFVACTPTGQVVPQLLQYMFVPPGA
PKPESRESLAWQTATNPSVFVKLTDPPAQVSVPFMSPASAYQWFYDGYPTFGEHKQEKDLEYGACPNNMMGTFSVRNVGS
SKSKYPLVVRIYMRMKHVRAWIPRPMRNQNYLFKANPNYAGNSIKPTGTSRTAITTLG
;
A
2 'polypeptide(L)'
;SPSAEACGYSDRVAQLTIGNSTITTQEAANIIVGYGEWPSYCSDDDATAVDKPTRPDVSVNRFYTLDTKLWEKSSKGWYW
KFPDVLTETGVFGQNAQFHYLYRSGFCIHVQCNASKFHQGALLVAILPEYVIGTVAGGTGTEDSHPPYKQTQPGADGFEL
QHPYVLDAGIPISQLTVCPHQWINLRTNNCATIIVPYMNTLPFDSALNHCNFGLLVVPISPLDFDQGATPVIPITITLAP
MCSEFAGLRQAVTQ
;
B
3 'polypeptide(L)'
;GFPTEPKPGTNQFLTTDDGVSAPILPNFHPTPCIHIPGEVRNLLELCQVETILEVNNVPTNATSLMERLRFPVSAQAGKG
ELCAVFRADPGRDGPWQSTMLGQLCGYYTQWSGSLEVTFMFTGSFMATGKMLIAYTPPGGPLPKDRATAMLGTHVIWDFG
LQSSVTLVIPWISNTHYRAHARDGVFDYYTTGLVSIWYQTNYVVPIGAPNTAYIIALAAAQKNFTMKLCKDTSHILQTAS
IQ
;
C
4 'polypeptide(L)'
;(UNK)(UNK)(UNK)(UNK)(UNK)(UNK)(UNK)(UNK)(UNK)(UNK)(UNK)(UNK)(UNK)(UNK)(UNK)(UNK)
(UNK)(UNK)(UNK)(UNK)(UNK)(UNK)(UNK)(UNK)(UNK)(UNK)(UNK)(UNK)(UNK)(UNK)(UNK)(UNK)
(UNK)(UNK)(UNK)(UNK)(UNK)(UNK)(UNK)(UNK)(UNK)(UNK)(UNK)(UNK)(UNK)(UNK)(UNK)(UNK)
(UNK)(UNK)(UNK)(UNK)(UNK)(UNK)(UNK)(UNK)(UNK)(UNK)(UNK)(UNK)(UNK)(UNK)(UNK)(UNK)
(UNK)(UNK)(UNK)(UNK)(UNK)(UNK)(UNK)(UNK)(UNK)(UNK)(UNK)(UNK)(UNK)(UNK)(UNK)(UNK)
(UNK)(UNK)(UNK)(UNK)(UNK)(UNK)(UNK)(UNK)(UNK)(UNK)(UNK)(UNK)(UNK)(UNK)(UNK)(UNK)
(UNK)(UNK)(UNK)(UNK)(UNK)(UNK)(UNK)(UNK)(UNK)(UNK)(UNK)(UNK)(UNK)(UNK)(UNK)(UNK)
(UNK)(UNK)(UNK)(UNK)(UNK)(UNK)(UNK)(UNK)(UNK)(UNK)(UNK)(UNK)(UNK)(UNK)(UNK)(UNK)
(UNK)(UNK)(UNK)(UNK)(UNK)(UNK)(UNK)(UNK)(UNK)(UNK)(UNK)(UNK)(UNK)(UNK)(UNK)(UNK)
(UNK)(UNK)(UNK)(UNK)(UNK)(UNK)(UNK)(UNK)(UNK)(UNK)(UNK)(UNK)(UNK)(UNK)(UNK)(UNK)
(UNK)(UNK)(UNK)(UNK)(UNK)(UNK)(UNK)(UNK)(UNK)(UNK)(UNK)(UNK)(UNK)(UNK)(UNK)(UNK)
(UNK)(UNK)(UNK)(UNK)(UNK)(UNK)(UNK)(UNK)(UNK)(UNK)(UNK)(UNK)(UNK)(UNK)(UNK)(UNK)
(UNK)(UNK)(UNK)(UNK)(UNK)(UNK)(UNK)(UNK)(UNK)(UNK)(UNK)(UNK)(UNK)(UNK)(UNK)(UNK)
(UNK)(UNK)(UNK)(UNK)(UNK)(UNK)(UNK)(UNK)(UNK)
;
X
5 'polypeptide(L)'
;(UNK)(UNK)(UNK)(UNK)(UNK)(UNK)(UNK)(UNK)(UNK)(UNK)(UNK)(UNK)(UNK)(UNK)(UNK)(UNK)
(UNK)(UNK)(UNK)(UNK)(UNK)(UNK)(UNK)(UNK)(UNK)(UNK)(UNK)(UNK)(UNK)(UNK)(UNK)(UNK)
(UNK)(UNK)(UNK)(UNK)(UNK)(UNK)(UNK)(UNK)(UNK)(UNK)(UNK)(UNK)(UNK)(UNK)(UNK)(UNK)
(UNK)(UNK)(UNK)(UNK)(UNK)(UNK)(UNK)(UNK)(UNK)(UNK)(UNK)(UNK)(UNK)(UNK)(UNK)(UNK)
(UNK)(UNK)(UNK)(UNK)(UNK)(UNK)(UNK)(UNK)(UNK)(UNK)(UNK)(UNK)(UNK)(UNK)(UNK)(UNK)
(UNK)(UNK)(UNK)(UNK)(UNK)(UNK)(UNK)(UNK)(UNK)(UNK)(UNK)(UNK)(UNK)(UNK)(UNK)(UNK)
(UNK)(UNK)(UNK)(UNK)(UNK)(UNK)(UNK)(UNK)(UNK)(UNK)(UNK)(UNK)(UNK)(UNK)(UNK)(UNK)
(UNK)(UNK)(UNK)(UNK)(UNK)(UNK)(UNK)(UNK)(UNK)(UNK)(UNK)(UNK)(UNK)(UNK)(UNK)(UNK)
(UNK)(UNK)(UNK)(UNK)(UNK)(UNK)(UNK)(UNK)(UNK)(UNK)(UNK)(UNK)(UNK)(UNK)(UNK)(UNK)
(UNK)(UNK)(UNK)(UNK)(UNK)(UNK)(UNK)(UNK)(UNK)(UNK)(UNK)(UNK)(UNK)(UNK)(UNK)(UNK)
(UNK)(UNK)(UNK)(UNK)(UNK)(UNK)(UNK)(UNK)(UNK)(UNK)(UNK)(UNK)(UNK)(UNK)(UNK)(UNK)
(UNK)(UNK)(UNK)(UNK)(UNK)(UNK)(UNK)(UNK)(UNK)(UNK)(UNK)(UNK)(UNK)(UNK)(UNK)(UNK)
(UNK)(UNK)(UNK)(UNK)(UNK)(UNK)(UNK)(UNK)(UNK)(UNK)(UNK)(UNK)(UNK)(UNK)(UNK)(UNK)
(UNK)(UNK)(UNK)(UNK)(UNK)(UNK)(UNK)(UNK)(UNK)(UNK)(UNK)(UNK)
;
Y
#
# COMPACT_ATOMS: atom_id res chain seq x y z
N HIS A 73 -36.57 -15.29 -2.51
CA HIS A 73 -35.67 -15.19 -3.65
C HIS A 73 -35.02 -16.56 -3.85
N SER A 74 -35.14 -17.11 -5.06
CA SER A 74 -34.59 -18.43 -5.36
C SER A 74 -33.07 -18.50 -5.41
N THR A 75 -32.53 -19.66 -5.05
CA THR A 75 -31.10 -19.88 -5.07
C THR A 75 -30.77 -20.89 -6.17
N ALA A 76 -31.73 -21.12 -7.06
CA ALA A 76 -31.56 -22.09 -8.13
C ALA A 76 -30.57 -21.70 -9.23
N GLU A 77 -30.45 -20.42 -9.54
CA GLU A 77 -29.55 -20.04 -10.61
C GLU A 77 -28.07 -20.05 -10.25
N THR A 78 -27.74 -20.42 -9.03
CA THR A 78 -26.34 -20.46 -8.63
C THR A 78 -25.87 -21.90 -8.38
N THR A 79 -26.65 -22.86 -8.84
CA THR A 79 -26.26 -24.27 -8.68
C THR A 79 -25.17 -24.48 -9.72
N LEU A 80 -24.41 -25.57 -9.61
CA LEU A 80 -23.35 -25.79 -10.59
C LEU A 80 -23.87 -25.95 -12.00
N ASP A 81 -24.99 -26.65 -12.16
CA ASP A 81 -25.55 -26.84 -13.49
C ASP A 81 -25.99 -25.53 -14.13
N SER A 82 -26.61 -24.64 -13.35
CA SER A 82 -27.05 -23.37 -13.91
C SER A 82 -25.85 -22.56 -14.38
N PHE A 83 -24.79 -22.59 -13.57
CA PHE A 83 -23.58 -21.86 -13.85
C PHE A 83 -22.80 -22.39 -15.06
N PHE A 84 -22.58 -23.70 -15.11
CA PHE A 84 -21.79 -24.29 -16.18
C PHE A 84 -22.52 -24.79 -17.42
N SER A 85 -23.82 -25.02 -17.32
CA SER A 85 -24.57 -25.53 -18.46
C SER A 85 -24.95 -24.43 -19.46
N ARG A 86 -23.91 -23.86 -20.08
CA ARG A 86 -24.04 -22.80 -21.07
C ARG A 86 -22.90 -23.03 -22.05
N ALA A 87 -23.24 -23.29 -23.31
CA ALA A 87 -22.25 -23.54 -24.33
C ALA A 87 -21.32 -22.36 -24.55
N GLY A 88 -20.02 -22.64 -24.63
CA GLY A 88 -19.04 -21.59 -24.86
C GLY A 88 -17.96 -22.10 -25.79
N LEU A 89 -17.28 -21.19 -26.47
CA LEU A 89 -16.22 -21.56 -27.40
C LEU A 89 -15.03 -22.19 -26.68
N VAL A 90 -14.59 -23.35 -27.14
CA VAL A 90 -13.44 -24.03 -26.54
C VAL A 90 -12.43 -24.48 -27.60
N GLY A 91 -12.85 -24.43 -28.86
CA GLY A 91 -11.97 -24.84 -29.93
C GLY A 91 -12.29 -24.11 -31.23
N GLU A 92 -11.31 -24.01 -32.11
CA GLU A 92 -11.47 -23.34 -33.38
C GLU A 92 -10.49 -23.98 -34.35
N ILE A 93 -11.01 -24.56 -35.44
CA ILE A 93 -10.17 -25.23 -36.42
C ILE A 93 -10.26 -24.60 -37.80
N ASP A 94 -9.11 -24.33 -38.40
CA ASP A 94 -9.04 -23.72 -39.72
C ASP A 94 -8.68 -24.72 -40.81
N LEU A 95 -9.40 -24.67 -41.92
CA LEU A 95 -9.15 -25.56 -43.06
C LEU A 95 -9.10 -24.69 -44.31
N PRO A 96 -8.05 -23.86 -44.45
CA PRO A 96 -7.88 -22.96 -45.59
C PRO A 96 -7.51 -23.68 -46.87
N LEU A 97 -7.56 -22.96 -47.98
CA LEU A 97 -7.22 -23.50 -49.28
C LEU A 97 -5.70 -23.47 -49.46
N GLU A 98 -5.12 -22.30 -49.21
CA GLU A 98 -3.69 -22.11 -49.33
C GLU A 98 -3.13 -21.52 -48.04
N GLY A 99 -2.01 -22.07 -47.58
CA GLY A 99 -1.40 -21.59 -46.35
C GLY A 99 -0.46 -22.62 -45.76
N THR A 100 -0.12 -22.45 -44.49
CA THR A 100 0.77 -23.37 -43.79
C THR A 100 0.05 -24.01 -42.61
N THR A 101 -1.25 -23.75 -42.50
CA THR A 101 -2.07 -24.29 -41.42
C THR A 101 -3.16 -25.21 -41.95
N ASN A 102 -2.91 -26.52 -41.93
CA ASN A 102 -3.87 -27.51 -42.41
C ASN A 102 -4.35 -27.21 -43.82
N PRO A 103 -3.44 -27.15 -44.80
CA PRO A 103 -3.79 -26.87 -46.20
C PRO A 103 -4.11 -28.10 -47.03
N ASN A 104 -4.09 -29.28 -46.41
CA ASN A 104 -4.35 -30.52 -47.12
C ASN A 104 -5.76 -31.08 -46.92
N GLY A 105 -6.67 -30.22 -46.49
CA GLY A 105 -8.05 -30.63 -46.30
C GLY A 105 -8.40 -31.45 -45.07
N TYR A 106 -7.56 -31.39 -44.04
CA TYR A 106 -7.84 -32.13 -42.82
C TYR A 106 -7.13 -31.45 -41.66
N ALA A 107 -7.56 -31.75 -40.44
CA ALA A 107 -6.95 -31.15 -39.26
C ALA A 107 -7.15 -32.04 -38.05
N ASN A 108 -6.21 -31.97 -37.12
CA ASN A 108 -6.28 -32.75 -35.88
C ASN A 108 -6.20 -31.80 -34.69
N TRP A 109 -7.34 -31.60 -34.04
CA TRP A 109 -7.40 -30.71 -32.88
C TRP A 109 -7.23 -31.51 -31.59
N ASP A 110 -6.22 -31.17 -30.81
CA ASP A 110 -5.98 -31.86 -29.54
C ASP A 110 -7.05 -31.37 -28.58
N ILE A 111 -7.91 -32.28 -28.10
CA ILE A 111 -8.99 -31.92 -27.20
C ILE A 111 -8.50 -31.31 -25.89
N ASP A 112 -8.68 -29.99 -25.78
CA ASP A 112 -8.25 -29.22 -24.62
C ASP A 112 -9.10 -27.94 -24.54
N ILE A 113 -9.94 -27.83 -23.52
CA ILE A 113 -10.79 -26.65 -23.38
C ILE A 113 -10.08 -25.47 -22.73
N THR A 114 -8.76 -25.56 -22.63
CA THR A 114 -7.97 -24.54 -22.00
C THR A 114 -7.41 -23.47 -22.96
N GLY A 115 -7.93 -23.45 -24.19
CA GLY A 115 -7.44 -22.48 -25.16
C GLY A 115 -8.15 -21.14 -25.22
N TYR A 116 -9.26 -21.01 -24.51
CA TYR A 116 -10.03 -19.77 -24.49
C TYR A 116 -10.32 -19.30 -23.07
N ALA A 117 -9.99 -18.04 -22.81
CA ALA A 117 -10.14 -17.42 -21.49
C ALA A 117 -11.48 -17.46 -20.78
N GLN A 118 -12.57 -17.13 -21.45
CA GLN A 118 -13.86 -17.14 -20.78
C GLN A 118 -14.22 -18.48 -20.15
N MET A 119 -14.27 -19.51 -20.99
CA MET A 119 -14.61 -20.84 -20.52
C MET A 119 -13.59 -21.36 -19.51
N ARG A 120 -12.31 -21.11 -19.79
CA ARG A 120 -11.24 -21.57 -18.91
C ARG A 120 -11.28 -20.98 -17.51
N ARG A 121 -11.50 -19.68 -17.41
CA ARG A 121 -11.52 -19.05 -16.09
C ARG A 121 -12.61 -19.59 -15.19
N LYS A 122 -13.79 -19.89 -15.78
CA LYS A 122 -14.91 -20.42 -15.02
C LYS A 122 -14.60 -21.77 -14.41
N VAL A 123 -14.20 -22.71 -15.26
CA VAL A 123 -13.88 -24.04 -14.78
C VAL A 123 -12.70 -24.05 -13.81
N GLU A 124 -11.75 -23.13 -13.98
CA GLU A 124 -10.61 -23.09 -13.08
C GLU A 124 -10.95 -22.51 -11.71
N LEU A 125 -12.23 -22.37 -11.43
CA LEU A 125 -12.66 -21.86 -10.14
C LEU A 125 -12.66 -23.05 -9.18
N PHE A 126 -12.68 -24.24 -9.76
CA PHE A 126 -12.67 -25.50 -9.01
C PHE A 126 -11.46 -26.32 -9.40
N THR A 127 -10.98 -27.16 -8.50
CA THR A 127 -9.82 -27.99 -8.76
C THR A 127 -10.19 -29.25 -9.53
N TYR A 128 -11.26 -29.93 -9.09
CA TYR A 128 -11.72 -31.14 -9.74
C TYR A 128 -13.13 -30.97 -10.25
N MET A 129 -13.44 -31.62 -11.37
CA MET A 129 -14.78 -31.53 -11.96
C MET A 129 -15.16 -32.79 -12.74
N ARG A 130 -16.36 -33.29 -12.48
CA ARG A 130 -16.87 -34.49 -13.14
C ARG A 130 -18.14 -34.06 -13.87
N PHE A 131 -18.25 -34.39 -15.16
CA PHE A 131 -19.42 -33.98 -15.93
C PHE A 131 -19.53 -34.60 -17.30
N ASP A 132 -20.74 -34.58 -17.84
CA ASP A 132 -21.02 -35.07 -19.20
C ASP A 132 -21.05 -33.76 -19.96
N ALA A 133 -20.96 -33.81 -21.28
CA ALA A 133 -20.97 -32.56 -22.03
C ALA A 133 -21.69 -32.69 -23.35
N GLU A 134 -22.04 -31.55 -23.91
CA GLU A 134 -22.73 -31.49 -25.18
C GLU A 134 -21.92 -30.63 -26.13
N PHE A 135 -21.32 -31.26 -27.14
CA PHE A 135 -20.51 -30.53 -28.10
C PHE A 135 -21.27 -30.17 -29.34
N THR A 136 -21.15 -28.91 -29.75
CA THR A 136 -21.80 -28.40 -30.95
C THR A 136 -20.72 -27.86 -31.88
N PHE A 137 -20.81 -28.23 -33.16
CA PHE A 137 -19.83 -27.79 -34.13
C PHE A 137 -20.44 -26.87 -35.18
N VAL A 138 -20.06 -25.60 -35.13
CA VAL A 138 -20.54 -24.60 -36.06
C VAL A 138 -19.51 -24.40 -37.18
N ALA A 139 -19.87 -24.76 -38.40
CA ALA A 139 -18.94 -24.63 -39.52
C ALA A 139 -19.41 -23.67 -40.61
N CYS A 140 -18.44 -22.99 -41.24
CA CYS A 140 -18.71 -22.04 -42.31
C CYS A 140 -17.39 -21.52 -42.84
N THR A 141 -17.44 -20.60 -43.80
CA THR A 141 -16.20 -20.05 -44.35
C THR A 141 -15.75 -18.89 -43.46
N PRO A 142 -14.55 -18.35 -43.71
CA PRO A 142 -14.05 -17.23 -42.89
C PRO A 142 -14.89 -15.96 -42.95
N THR A 143 -15.85 -15.89 -43.87
CA THR A 143 -16.70 -14.71 -43.97
C THR A 143 -18.04 -14.95 -43.31
N GLY A 144 -18.26 -16.19 -42.88
CA GLY A 144 -19.52 -16.54 -42.23
C GLY A 144 -20.49 -17.11 -43.24
N GLN A 145 -20.03 -17.25 -44.48
CA GLN A 145 -20.85 -17.77 -45.55
C GLN A 145 -21.07 -19.27 -45.45
N VAL A 146 -22.31 -19.69 -45.66
CA VAL A 146 -22.68 -21.09 -45.61
C VAL A 146 -22.51 -21.68 -47.01
N VAL A 147 -21.69 -22.72 -47.08
CA VAL A 147 -21.38 -23.36 -48.34
C VAL A 147 -21.80 -24.83 -48.41
N PRO A 148 -22.20 -25.31 -49.61
CA PRO A 148 -22.63 -26.70 -49.79
C PRO A 148 -21.44 -27.67 -49.80
N GLN A 149 -20.90 -27.94 -48.61
CA GLN A 149 -19.74 -28.81 -48.47
C GLN A 149 -20.01 -29.90 -47.41
N LEU A 150 -19.54 -31.11 -47.68
CA LEU A 150 -19.71 -32.23 -46.77
C LEU A 150 -18.43 -32.47 -45.96
N LEU A 151 -18.54 -32.45 -44.64
CA LEU A 151 -17.41 -32.67 -43.75
C LEU A 151 -17.55 -33.93 -42.92
N GLN A 152 -16.45 -34.39 -42.35
CA GLN A 152 -16.46 -35.57 -41.49
C GLN A 152 -15.68 -35.26 -40.23
N TYR A 153 -16.34 -35.38 -39.08
CA TYR A 153 -15.69 -35.15 -37.80
C TYR A 153 -15.49 -36.52 -37.19
N MET A 154 -14.32 -36.78 -36.62
CA MET A 154 -14.07 -38.07 -36.03
C MET A 154 -13.36 -37.95 -34.70
N PHE A 155 -13.88 -38.65 -33.69
CA PHE A 155 -13.28 -38.62 -32.38
C PHE A 155 -12.25 -39.74 -32.33
N VAL A 156 -10.99 -39.38 -32.13
CA VAL A 156 -9.90 -40.35 -32.09
C VAL A 156 -9.35 -40.49 -30.67
N PRO A 157 -9.88 -41.44 -29.89
CA PRO A 157 -9.44 -41.66 -28.51
C PRO A 157 -7.95 -41.94 -28.50
N PRO A 158 -7.27 -41.62 -27.38
CA PRO A 158 -5.82 -41.87 -27.34
C PRO A 158 -5.46 -43.33 -27.60
N GLY A 159 -4.63 -43.55 -28.63
CA GLY A 159 -4.22 -44.89 -28.98
C GLY A 159 -4.68 -45.25 -30.38
N ALA A 160 -5.77 -44.62 -30.82
CA ALA A 160 -6.31 -44.86 -32.14
C ALA A 160 -5.43 -44.13 -33.15
N PRO A 161 -5.42 -44.59 -34.42
CA PRO A 161 -4.61 -43.95 -35.47
C PRO A 161 -5.14 -42.61 -35.94
N LYS A 162 -4.31 -41.57 -35.77
CA LYS A 162 -4.67 -40.22 -36.20
C LYS A 162 -4.45 -40.11 -37.70
N PRO A 163 -5.45 -39.60 -38.44
CA PRO A 163 -5.32 -39.45 -39.89
C PRO A 163 -4.16 -38.55 -40.31
N GLU A 164 -3.40 -39.02 -41.29
CA GLU A 164 -2.23 -38.30 -41.80
C GLU A 164 -2.53 -37.54 -43.10
N SER A 165 -3.73 -37.73 -43.64
CA SER A 165 -4.14 -37.06 -44.87
C SER A 165 -5.65 -37.10 -45.05
N ARG A 166 -6.14 -36.40 -46.07
CA ARG A 166 -7.57 -36.36 -46.34
C ARG A 166 -8.07 -37.75 -46.76
N GLU A 167 -7.21 -38.53 -47.38
CA GLU A 167 -7.58 -39.87 -47.84
C GLU A 167 -7.05 -40.98 -46.94
N SER A 168 -6.69 -40.62 -45.71
CA SER A 168 -6.17 -41.60 -44.77
C SER A 168 -7.12 -42.77 -44.59
N LEU A 169 -6.59 -43.94 -44.31
CA LEU A 169 -7.41 -45.13 -44.12
C LEU A 169 -8.19 -45.03 -42.81
N ALA A 170 -7.71 -44.19 -41.90
CA ALA A 170 -8.35 -44.03 -40.60
C ALA A 170 -9.75 -43.48 -40.70
N TRP A 171 -10.10 -42.89 -41.85
CA TRP A 171 -11.43 -42.31 -42.02
C TRP A 171 -12.51 -43.35 -42.24
N GLN A 172 -12.15 -44.62 -42.12
CA GLN A 172 -13.10 -45.70 -42.28
C GLN A 172 -13.98 -45.83 -41.03
N THR A 173 -13.55 -45.22 -39.93
CA THR A 173 -14.28 -45.23 -38.65
C THR A 173 -15.01 -46.51 -38.30
N ALA A 174 -14.40 -47.66 -38.54
CA ALA A 174 -15.03 -48.92 -38.23
C ALA A 174 -15.41 -49.00 -36.75
N THR A 175 -14.71 -48.24 -35.90
CA THR A 175 -15.00 -48.26 -34.47
C THR A 175 -15.09 -46.87 -33.82
N ASN A 176 -14.30 -45.92 -34.31
CA ASN A 176 -14.36 -44.56 -33.75
C ASN A 176 -15.68 -43.90 -34.12
N PRO A 177 -16.19 -43.03 -33.25
CA PRO A 177 -17.45 -42.37 -33.58
C PRO A 177 -17.18 -41.21 -34.54
N SER A 178 -17.95 -41.13 -35.61
CA SER A 178 -17.81 -40.08 -36.61
C SER A 178 -19.14 -39.42 -36.91
N VAL A 179 -19.06 -38.18 -37.40
CA VAL A 179 -20.27 -37.43 -37.76
C VAL A 179 -20.07 -36.87 -39.15
N PHE A 180 -21.04 -37.11 -40.03
CA PHE A 180 -20.98 -36.59 -41.39
C PHE A 180 -22.05 -35.52 -41.53
N VAL A 181 -21.65 -34.28 -41.81
CA VAL A 181 -22.60 -33.19 -41.98
C VAL A 181 -22.23 -32.26 -43.11
N LYS A 182 -23.22 -31.55 -43.61
CA LYS A 182 -23.01 -30.57 -44.67
C LYS A 182 -23.03 -29.23 -43.93
N LEU A 183 -22.35 -28.23 -44.45
CA LEU A 183 -22.36 -26.93 -43.79
C LEU A 183 -23.73 -26.28 -43.92
N THR A 184 -24.55 -26.83 -44.81
CA THR A 184 -25.89 -26.31 -45.03
C THR A 184 -26.88 -26.87 -44.00
N ASP A 185 -26.47 -27.91 -43.28
CA ASP A 185 -27.31 -28.51 -42.24
C ASP A 185 -27.05 -27.74 -40.95
N PRO A 186 -28.01 -27.76 -40.01
CA PRO A 186 -27.76 -27.04 -38.76
C PRO A 186 -26.55 -27.65 -38.05
N PRO A 187 -25.81 -26.85 -37.27
CA PRO A 187 -24.64 -27.37 -36.56
C PRO A 187 -24.81 -28.74 -35.91
N ALA A 188 -23.85 -29.62 -36.13
CA ALA A 188 -23.90 -30.95 -35.54
C ALA A 188 -23.78 -30.81 -34.04
N GLN A 189 -24.53 -31.62 -33.31
CA GLN A 189 -24.52 -31.59 -31.85
C GLN A 189 -24.47 -33.03 -31.37
N VAL A 190 -23.74 -33.27 -30.29
CA VAL A 190 -23.58 -34.63 -29.82
C VAL A 190 -23.34 -34.68 -28.31
N SER A 191 -23.71 -35.79 -27.66
CA SER A 191 -23.51 -35.95 -26.22
C SER A 191 -22.30 -36.81 -25.90
N VAL A 192 -21.51 -36.34 -24.95
CA VAL A 192 -20.31 -37.03 -24.53
C VAL A 192 -20.38 -37.34 -23.04
N PRO A 193 -19.94 -38.54 -22.63
CA PRO A 193 -19.98 -38.91 -21.21
C PRO A 193 -18.72 -38.48 -20.49
N PHE A 194 -18.60 -38.88 -19.23
CA PHE A 194 -17.41 -38.56 -18.45
C PHE A 194 -16.45 -39.70 -18.76
N MET A 195 -15.46 -39.44 -19.62
CA MET A 195 -14.54 -40.49 -20.03
C MET A 195 -13.13 -40.49 -19.49
N SER A 196 -12.95 -40.05 -18.26
CA SER A 196 -11.63 -40.05 -17.67
C SER A 196 -11.42 -41.31 -16.86
N PRO A 197 -10.18 -41.80 -16.78
CA PRO A 197 -9.96 -43.01 -15.98
C PRO A 197 -9.92 -42.64 -14.50
N ALA A 198 -9.90 -41.33 -14.24
CA ALA A 198 -9.92 -40.81 -12.87
C ALA A 198 -11.39 -40.58 -12.51
N SER A 199 -11.68 -40.21 -11.28
CA SER A 199 -13.08 -39.98 -10.90
C SER A 199 -13.54 -38.58 -11.27
N ALA A 200 -12.62 -37.77 -11.77
CA ALA A 200 -12.93 -36.41 -12.17
C ALA A 200 -11.76 -35.79 -12.93
N TYR A 201 -12.04 -34.75 -13.70
CA TYR A 201 -10.98 -34.07 -14.44
C TYR A 201 -10.28 -33.11 -13.48
N GLN A 202 -9.00 -32.84 -13.71
CA GLN A 202 -8.24 -31.93 -12.87
C GLN A 202 -7.77 -30.76 -13.70
N TRP A 203 -8.16 -29.55 -13.32
CA TRP A 203 -7.71 -28.39 -14.07
C TRP A 203 -6.29 -28.08 -13.60
N PHE A 204 -5.91 -28.69 -12.48
CA PHE A 204 -4.59 -28.51 -11.89
C PHE A 204 -4.02 -29.81 -11.37
N TYR A 205 -2.83 -30.16 -11.82
CA TYR A 205 -2.15 -31.37 -11.40
C TYR A 205 -0.74 -30.99 -10.95
N ASP A 206 -0.53 -30.91 -9.64
CA ASP A 206 0.76 -30.53 -9.11
C ASP A 206 1.70 -31.73 -9.02
N GLY A 207 2.24 -32.13 -10.17
CA GLY A 207 3.16 -33.26 -10.19
C GLY A 207 3.60 -33.61 -11.59
N TYR A 208 4.34 -34.71 -11.72
CA TYR A 208 4.83 -35.17 -13.02
C TYR A 208 4.13 -36.47 -13.40
N PRO A 209 4.01 -36.73 -14.71
CA PRO A 209 3.34 -37.95 -15.18
C PRO A 209 4.19 -39.22 -15.14
N THR A 210 5.51 -39.07 -15.15
CA THR A 210 6.41 -40.22 -15.13
C THR A 210 7.51 -40.10 -14.08
N PHE A 211 8.13 -41.23 -13.73
CA PHE A 211 9.21 -41.23 -12.75
C PHE A 211 10.53 -40.89 -13.44
N GLY A 212 11.62 -40.99 -12.68
CA GLY A 212 12.93 -40.71 -13.24
C GLY A 212 13.45 -39.32 -12.92
N GLU A 213 14.58 -38.97 -13.49
CA GLU A 213 15.19 -37.67 -13.26
C GLU A 213 14.35 -36.64 -13.99
N HIS A 214 14.15 -35.49 -13.37
CA HIS A 214 13.35 -34.44 -14.00
C HIS A 214 14.24 -33.26 -14.38
N LYS A 215 14.95 -33.42 -15.49
CA LYS A 215 15.87 -32.41 -15.99
C LYS A 215 15.19 -31.25 -16.71
N GLN A 216 15.94 -30.18 -16.91
CA GLN A 216 15.49 -28.96 -17.59
C GLN A 216 14.68 -29.25 -18.85
N GLU A 217 15.21 -30.10 -19.71
CA GLU A 217 14.56 -30.45 -20.97
C GLU A 217 13.16 -31.07 -20.84
N LYS A 218 12.92 -31.78 -19.75
CA LYS A 218 11.61 -32.42 -19.54
C LYS A 218 10.65 -31.69 -18.61
N ASP A 219 10.98 -30.47 -18.21
CA ASP A 219 10.10 -29.70 -17.33
C ASP A 219 8.82 -29.37 -18.08
N LEU A 220 8.81 -29.72 -19.36
CA LEU A 220 7.67 -29.51 -20.23
C LEU A 220 6.48 -30.34 -19.74
N GLU A 221 6.79 -31.44 -19.05
CA GLU A 221 5.78 -32.37 -18.55
C GLU A 221 5.17 -32.05 -17.19
N TYR A 222 5.75 -31.09 -16.47
CA TYR A 222 5.21 -30.73 -15.16
C TYR A 222 3.79 -30.21 -15.27
N GLY A 223 2.89 -30.79 -14.48
CA GLY A 223 1.50 -30.35 -14.50
C GLY A 223 0.67 -30.99 -15.59
N ALA A 224 1.24 -31.97 -16.28
CA ALA A 224 0.54 -32.66 -17.35
C ALA A 224 -0.08 -33.96 -16.84
N CYS A 225 -1.40 -33.99 -16.76
CA CYS A 225 -2.09 -35.18 -16.29
C CYS A 225 -2.82 -35.89 -17.43
N PRO A 226 -2.40 -37.12 -17.74
CA PRO A 226 -2.99 -37.93 -18.82
C PRO A 226 -4.47 -38.23 -18.60
N ASN A 227 -4.93 -38.15 -17.35
CA ASN A 227 -6.33 -38.42 -17.07
C ASN A 227 -7.22 -37.34 -17.66
N ASN A 228 -6.61 -36.26 -18.15
CA ASN A 228 -7.36 -35.16 -18.76
C ASN A 228 -7.19 -35.16 -20.28
N MET A 229 -6.26 -35.97 -20.76
CA MET A 229 -6.01 -36.04 -22.19
C MET A 229 -6.93 -37.08 -22.81
N MET A 230 -8.06 -36.59 -23.32
CA MET A 230 -9.10 -37.44 -23.91
C MET A 230 -8.94 -37.83 -25.36
N GLY A 231 -7.90 -37.36 -26.02
CA GLY A 231 -7.70 -37.71 -27.41
C GLY A 231 -7.73 -36.57 -28.38
N THR A 232 -8.02 -36.89 -29.64
CA THR A 232 -8.04 -35.90 -30.71
C THR A 232 -9.38 -35.82 -31.45
N PHE A 233 -9.63 -34.66 -32.04
CA PHE A 233 -10.84 -34.40 -32.82
C PHE A 233 -10.33 -34.11 -34.23
N SER A 234 -10.70 -34.95 -35.19
CA SER A 234 -10.25 -34.77 -36.57
C SER A 234 -11.35 -34.34 -37.53
N VAL A 235 -10.98 -33.49 -38.49
CA VAL A 235 -11.94 -33.00 -39.48
C VAL A 235 -11.36 -33.14 -40.88
N ARG A 236 -12.22 -33.27 -41.89
CA ARG A 236 -11.76 -33.38 -43.26
C ARG A 236 -12.87 -33.11 -44.26
N ASN A 237 -12.48 -32.91 -45.52
CA ASN A 237 -13.44 -32.69 -46.59
C ASN A 237 -13.70 -34.11 -47.04
N VAL A 238 -14.94 -34.55 -47.08
CA VAL A 238 -15.17 -35.91 -47.50
C VAL A 238 -14.94 -35.98 -49.01
N GLY A 239 -13.68 -36.25 -49.39
CA GLY A 239 -13.34 -36.34 -50.79
C GLY A 239 -11.91 -36.79 -51.02
N SER A 240 -11.47 -36.71 -52.27
CA SER A 240 -10.11 -37.10 -52.63
C SER A 240 -9.41 -35.98 -53.39
N SER A 241 -10.10 -34.84 -53.47
CA SER A 241 -9.57 -33.66 -54.14
C SER A 241 -9.71 -32.44 -53.23
N LYS A 242 -8.98 -31.38 -53.54
CA LYS A 242 -9.02 -30.14 -52.75
C LYS A 242 -10.43 -29.55 -52.74
N SER A 243 -10.84 -29.02 -51.59
CA SER A 243 -12.16 -28.40 -51.47
C SER A 243 -12.18 -27.10 -52.25
N LYS A 244 -13.36 -26.67 -52.67
CA LYS A 244 -13.48 -25.44 -53.42
C LYS A 244 -13.56 -24.22 -52.51
N TYR A 245 -13.76 -24.44 -51.21
CA TYR A 245 -13.88 -23.34 -50.26
C TYR A 245 -13.04 -23.48 -48.99
N PRO A 246 -12.69 -22.35 -48.37
CA PRO A 246 -11.90 -22.31 -47.14
C PRO A 246 -12.89 -22.49 -45.98
N LEU A 247 -12.56 -23.33 -45.01
CA LEU A 247 -13.48 -23.57 -43.90
C LEU A 247 -12.95 -23.27 -42.52
N VAL A 248 -13.88 -23.14 -41.58
CA VAL A 248 -13.57 -22.88 -40.18
C VAL A 248 -14.60 -23.65 -39.38
N VAL A 249 -14.14 -24.28 -38.30
CA VAL A 249 -15.03 -25.04 -37.45
C VAL A 249 -14.87 -24.56 -36.02
N ARG A 250 -15.93 -24.02 -35.46
CA ARG A 250 -15.88 -23.55 -34.08
C ARG A 250 -16.55 -24.61 -33.23
N ILE A 251 -15.89 -24.96 -32.12
CA ILE A 251 -16.40 -25.98 -31.22
C ILE A 251 -16.90 -25.38 -29.92
N TYR A 252 -18.16 -25.67 -29.61
CA TYR A 252 -18.77 -25.17 -28.38
C TYR A 252 -19.04 -26.32 -27.41
N MET A 253 -18.90 -26.06 -26.11
CA MET A 253 -19.13 -27.08 -25.12
C MET A 253 -20.08 -26.66 -24.01
N ARG A 254 -21.04 -27.53 -23.71
CA ARG A 254 -22.02 -27.28 -22.67
C ARG A 254 -21.92 -28.42 -21.68
N MET A 255 -21.63 -28.12 -20.42
CA MET A 255 -21.52 -29.16 -19.41
C MET A 255 -22.87 -29.54 -18.80
N LYS A 256 -23.05 -30.83 -18.53
CA LYS A 256 -24.29 -31.34 -17.94
C LYS A 256 -23.97 -32.28 -16.80
N HIS A 257 -24.88 -32.42 -15.86
CA HIS A 257 -24.69 -33.34 -14.74
C HIS A 257 -23.33 -33.06 -14.12
N VAL A 258 -23.16 -31.84 -13.62
CA VAL A 258 -21.90 -31.40 -13.05
C VAL A 258 -21.70 -31.58 -11.55
N ARG A 259 -20.52 -32.08 -11.19
CA ARG A 259 -20.11 -32.28 -9.80
C ARG A 259 -18.79 -31.50 -9.76
N ALA A 260 -18.51 -30.78 -8.67
CA ALA A 260 -17.27 -30.03 -8.57
C ALA A 260 -16.75 -30.02 -7.15
N TRP A 261 -15.43 -30.05 -7.00
CA TRP A 261 -14.80 -30.06 -5.68
C TRP A 261 -13.66 -29.06 -5.54
N ILE A 262 -13.43 -28.64 -4.29
CA ILE A 262 -12.34 -27.75 -3.94
C ILE A 262 -12.19 -26.46 -4.75
N PRO A 263 -12.84 -25.38 -4.30
CA PRO A 263 -12.76 -24.08 -5.00
C PRO A 263 -11.39 -23.43 -4.81
N ARG A 264 -10.97 -22.62 -5.78
CA ARG A 264 -9.67 -21.95 -5.72
C ARG A 264 -9.81 -20.47 -6.08
N PRO A 265 -8.74 -19.69 -5.85
CA PRO A 265 -8.78 -18.27 -6.17
C PRO A 265 -8.96 -18.16 -7.69
N MET A 266 -9.76 -17.20 -8.14
CA MET A 266 -10.03 -17.02 -9.57
C MET A 266 -8.87 -16.35 -10.30
N ARG A 267 -8.59 -16.83 -11.52
CA ARG A 267 -7.49 -16.27 -12.33
C ARG A 267 -7.40 -14.77 -12.17
N ASN A 268 -6.19 -14.33 -11.84
CA ASN A 268 -5.86 -12.94 -11.57
C ASN A 268 -5.19 -12.21 -12.74
N GLN A 269 -4.32 -12.91 -13.44
CA GLN A 269 -3.55 -12.38 -14.57
C GLN A 269 -3.96 -12.98 -15.90
N ASN A 270 -3.52 -12.36 -16.98
CA ASN A 270 -3.81 -12.84 -18.33
C ASN A 270 -3.24 -14.23 -18.53
N TYR A 271 -3.92 -15.02 -19.35
CA TYR A 271 -3.46 -16.37 -19.66
C TYR A 271 -2.47 -16.24 -20.79
N LEU A 272 -1.47 -17.11 -20.81
CA LEU A 272 -0.47 -17.07 -21.87
C LEU A 272 -0.38 -18.39 -22.62
N PHE A 273 -0.40 -19.49 -21.87
CA PHE A 273 -0.31 -20.81 -22.48
C PHE A 273 -1.40 -21.77 -22.01
N LYS A 274 -1.52 -22.91 -22.69
CA LYS A 274 -2.54 -23.89 -22.37
C LYS A 274 -2.23 -24.84 -21.21
N ALA A 275 -1.10 -25.53 -21.28
CA ALA A 275 -0.74 -26.50 -20.26
C ALA A 275 -0.23 -25.96 -18.93
N ASN A 276 -0.31 -24.64 -18.71
CA ASN A 276 0.19 -24.08 -17.47
C ASN A 276 -0.34 -22.70 -17.09
N PRO A 277 -0.10 -22.29 -15.82
CA PRO A 277 -0.54 -21.01 -15.28
C PRO A 277 0.48 -19.88 -15.36
N ASN A 278 1.39 -19.94 -16.35
CA ASN A 278 2.38 -18.88 -16.49
C ASN A 278 1.72 -17.52 -16.64
N TYR A 279 2.40 -16.50 -16.16
CA TYR A 279 1.92 -15.12 -16.24
C TYR A 279 3.10 -14.22 -16.60
N ALA A 280 2.81 -13.06 -17.18
CA ALA A 280 3.88 -12.13 -17.56
C ALA A 280 4.40 -11.43 -16.31
N GLY A 281 5.62 -11.80 -15.90
CA GLY A 281 6.23 -11.22 -14.71
C GLY A 281 6.48 -9.72 -14.71
N ASN A 282 6.53 -9.11 -15.89
CA ASN A 282 6.78 -7.67 -15.99
C ASN A 282 5.48 -6.89 -16.08
N SER A 283 4.38 -7.60 -16.26
CA SER A 283 3.08 -6.95 -16.36
C SER A 283 2.12 -7.53 -15.34
N ILE A 284 2.55 -7.62 -14.09
CA ILE A 284 1.70 -8.14 -13.03
C ILE A 284 0.77 -7.02 -12.58
N LYS A 285 -0.47 -7.05 -13.07
CA LYS A 285 -1.45 -6.02 -12.73
C LYS A 285 -2.23 -6.41 -11.47
N PRO A 286 -2.78 -5.41 -10.76
CA PRO A 286 -3.55 -5.65 -9.55
C PRO A 286 -4.82 -6.39 -9.91
N THR A 287 -5.45 -7.03 -8.92
CA THR A 287 -6.68 -7.77 -9.19
C THR A 287 -7.72 -6.82 -9.77
N GLY A 288 -7.74 -5.58 -9.28
CA GLY A 288 -8.72 -4.64 -9.78
C GLY A 288 -8.28 -3.20 -9.97
N THR A 289 -9.27 -2.31 -9.90
CA THR A 289 -9.08 -0.88 -10.07
C THR A 289 -8.34 -0.26 -8.90
N SER A 290 -7.71 0.88 -9.15
CA SER A 290 -6.96 1.60 -8.11
C SER A 290 -7.44 3.04 -8.00
N ARG A 291 -7.01 3.74 -6.96
CA ARG A 291 -7.39 5.12 -6.75
C ARG A 291 -6.25 5.95 -6.17
N THR A 292 -6.45 7.26 -6.09
CA THR A 292 -5.44 8.18 -5.58
C THR A 292 -5.14 8.03 -4.10
N ALA A 293 -6.17 8.18 -3.26
CA ALA A 293 -5.99 8.07 -1.82
C ALA A 293 -6.99 7.10 -1.21
N ILE A 294 -6.64 6.55 -0.06
CA ILE A 294 -7.50 5.60 0.64
C ILE A 294 -8.66 6.30 1.35
N THR A 295 -8.55 7.62 1.51
CA THR A 295 -9.57 8.42 2.17
C THR A 295 -10.47 9.19 1.21
N THR A 296 -10.36 8.89 -0.09
CA THR A 296 -11.16 9.56 -1.10
C THR A 296 -11.67 8.56 -2.12
N LEU A 297 -12.93 8.71 -2.54
CA LEU A 297 -13.51 7.81 -3.52
C LEU A 297 -12.95 8.02 -4.92
N ASP B 11 -11.32 -24.71 26.41
CA ASP B 11 -11.24 -24.52 24.92
C ASP B 11 -9.95 -23.84 24.42
N ARG B 12 -9.27 -23.12 25.31
CA ARG B 12 -8.02 -22.45 24.97
C ARG B 12 -6.86 -23.43 25.20
N VAL B 13 -7.10 -24.42 26.06
CA VAL B 13 -6.08 -25.43 26.36
C VAL B 13 -6.44 -26.70 25.58
N ALA B 14 -5.42 -27.49 25.25
CA ALA B 14 -5.66 -28.73 24.51
C ALA B 14 -4.46 -29.66 24.55
N GLN B 15 -4.71 -30.92 24.27
CA GLN B 15 -3.66 -31.92 24.23
C GLN B 15 -3.93 -32.85 23.07
N LEU B 16 -2.91 -33.12 22.26
CA LEU B 16 -3.04 -34.00 21.12
C LEU B 16 -2.11 -35.18 21.33
N THR B 17 -2.69 -36.35 21.58
CA THR B 17 -1.90 -37.54 21.79
C THR B 17 -2.16 -38.51 20.66
N ILE B 18 -1.09 -38.99 20.05
CA ILE B 18 -1.20 -39.95 18.97
C ILE B 18 0.15 -40.65 18.90
N GLY B 19 0.13 -41.98 18.83
CA GLY B 19 1.38 -42.72 18.80
C GLY B 19 2.01 -42.56 20.17
N ASN B 20 3.32 -42.36 20.22
CA ASN B 20 4.03 -42.18 21.47
C ASN B 20 4.42 -40.72 21.64
N SER B 21 3.63 -39.82 21.08
CA SER B 21 3.92 -38.39 21.15
C SER B 21 2.72 -37.59 21.62
N THR B 22 2.99 -36.58 22.43
CA THR B 22 1.93 -35.72 22.97
C THR B 22 2.27 -34.25 22.82
N ILE B 23 1.29 -33.47 22.38
CA ILE B 23 1.48 -32.03 22.23
C ILE B 23 0.59 -31.32 23.22
N THR B 24 1.12 -30.26 23.80
CA THR B 24 0.40 -29.48 24.79
C THR B 24 0.30 -28.02 24.34
N THR B 25 -0.74 -27.34 24.79
CA THR B 25 -0.92 -25.94 24.45
C THR B 25 -1.91 -25.30 25.40
N GLN B 26 -1.65 -24.05 25.78
CA GLN B 26 -2.52 -23.36 26.71
C GLN B 26 -3.10 -22.09 26.11
N GLU B 27 -2.80 -21.88 24.83
CA GLU B 27 -3.31 -20.72 24.10
C GLU B 27 -3.65 -21.16 22.69
N ALA B 28 -4.63 -22.06 22.59
CA ALA B 28 -5.08 -22.59 21.32
C ALA B 28 -6.33 -21.86 20.88
N ALA B 29 -6.80 -22.13 19.68
CA ALA B 29 -8.00 -21.50 19.15
C ALA B 29 -8.86 -22.58 18.49
N ASN B 30 -9.23 -23.58 19.27
CA ASN B 30 -10.04 -24.69 18.78
C ASN B 30 -9.23 -25.50 17.77
N ILE B 31 -9.90 -26.45 17.12
CA ILE B 31 -9.26 -27.30 16.13
C ILE B 31 -10.10 -27.30 14.86
N ILE B 32 -9.44 -27.23 13.70
CA ILE B 32 -10.14 -27.23 12.44
C ILE B 32 -10.04 -28.61 11.81
N VAL B 33 -11.15 -29.11 11.30
CA VAL B 33 -11.17 -30.41 10.63
C VAL B 33 -11.49 -30.15 9.17
N GLY B 34 -10.45 -30.12 8.36
CA GLY B 34 -10.59 -29.85 6.94
C GLY B 34 -11.81 -30.43 6.23
N TYR B 35 -12.64 -29.54 5.69
CA TYR B 35 -13.82 -29.95 4.94
C TYR B 35 -14.78 -30.82 5.76
N GLY B 36 -14.75 -30.63 7.08
CA GLY B 36 -15.62 -31.37 7.97
C GLY B 36 -15.54 -32.88 7.87
N GLU B 37 -14.34 -33.42 7.68
CA GLU B 37 -14.16 -34.87 7.58
C GLU B 37 -12.90 -35.36 8.26
N TRP B 38 -13.04 -36.42 9.05
CA TRP B 38 -11.90 -37.01 9.74
C TRP B 38 -11.21 -38.01 8.84
N PRO B 39 -9.90 -38.18 9.01
CA PRO B 39 -9.18 -39.14 8.17
C PRO B 39 -9.79 -40.51 8.40
N SER B 40 -9.82 -41.33 7.36
CA SER B 40 -10.37 -42.67 7.46
C SER B 40 -9.62 -43.58 6.51
N TYR B 41 -9.82 -44.89 6.68
CA TYR B 41 -9.16 -45.85 5.81
C TYR B 41 -9.97 -46.01 4.52
N CYS B 42 -9.37 -46.62 3.52
CA CYS B 42 -10.03 -46.81 2.24
C CYS B 42 -11.08 -47.91 2.22
N SER B 43 -12.27 -47.58 1.71
CA SER B 43 -13.40 -48.52 1.62
C SER B 43 -13.01 -49.69 0.74
N ASP B 44 -13.77 -50.77 0.81
CA ASP B 44 -13.52 -51.94 -0.02
C ASP B 44 -14.08 -51.69 -1.42
N ASP B 45 -14.92 -50.67 -1.57
CA ASP B 45 -15.51 -50.37 -2.87
C ASP B 45 -14.85 -49.16 -3.54
N ASP B 46 -14.02 -48.45 -2.79
CA ASP B 46 -13.29 -47.30 -3.33
C ASP B 46 -11.89 -47.73 -3.76
N ALA B 47 -11.48 -48.92 -3.33
CA ALA B 47 -10.16 -49.46 -3.63
C ALA B 47 -10.07 -50.21 -4.96
N THR B 48 -8.84 -50.36 -5.46
CA THR B 48 -8.58 -51.11 -6.70
C THR B 48 -7.44 -52.09 -6.50
N ALA B 49 -6.34 -51.60 -5.95
CA ALA B 49 -5.19 -52.46 -5.68
C ALA B 49 -5.71 -53.65 -4.90
N VAL B 50 -5.42 -54.86 -5.39
CA VAL B 50 -5.90 -56.07 -4.75
C VAL B 50 -5.03 -56.62 -3.61
N ASP B 51 -3.79 -56.18 -3.52
CA ASP B 51 -2.94 -56.69 -2.46
C ASP B 51 -3.33 -56.07 -1.12
N LYS B 52 -3.16 -56.85 -0.06
CA LYS B 52 -3.51 -56.40 1.28
C LYS B 52 -2.51 -55.34 1.73
N PRO B 53 -3.01 -54.16 2.12
CA PRO B 53 -2.14 -53.07 2.57
C PRO B 53 -1.56 -53.25 3.96
N THR B 54 -0.58 -52.42 4.28
CA THR B 54 0.07 -52.43 5.57
C THR B 54 -0.46 -51.22 6.33
N ARG B 55 -0.83 -51.42 7.58
CA ARG B 55 -1.32 -50.33 8.39
C ARG B 55 -0.49 -50.37 9.67
N PRO B 56 0.77 -49.90 9.58
CA PRO B 56 1.75 -49.85 10.68
C PRO B 56 1.28 -49.18 11.97
N ASP B 57 0.22 -48.38 11.88
CA ASP B 57 -0.34 -47.71 13.05
C ASP B 57 0.66 -46.87 13.86
N VAL B 58 0.74 -47.11 15.16
CA VAL B 58 1.60 -46.35 16.07
C VAL B 58 3.02 -45.99 15.64
N SER B 59 3.64 -46.80 14.78
CA SER B 59 5.00 -46.51 14.35
C SER B 59 5.08 -45.39 13.32
N VAL B 60 3.97 -45.11 12.63
CA VAL B 60 3.97 -44.06 11.62
C VAL B 60 2.96 -42.96 11.90
N ASN B 61 1.92 -43.27 12.65
CA ASN B 61 0.91 -42.28 12.99
C ASN B 61 1.27 -41.64 14.32
N ARG B 62 2.23 -40.71 14.27
CA ARG B 62 2.71 -40.01 15.46
C ARG B 62 3.20 -38.64 15.04
N PHE B 63 3.54 -37.81 16.02
CA PHE B 63 4.01 -36.46 15.74
C PHE B 63 5.49 -36.34 15.39
N TYR B 64 5.75 -35.81 14.20
CA TYR B 64 7.10 -35.58 13.72
C TYR B 64 7.31 -34.08 13.71
N THR B 65 8.39 -33.61 14.34
CA THR B 65 8.66 -32.18 14.38
C THR B 65 9.75 -31.80 13.39
N LEU B 66 9.35 -31.09 12.34
CA LEU B 66 10.26 -30.66 11.29
C LEU B 66 10.99 -29.39 11.70
N ASP B 67 11.90 -28.93 10.84
CA ASP B 67 12.68 -27.73 11.12
C ASP B 67 11.88 -26.53 11.62
N THR B 68 12.63 -25.62 12.24
CA THR B 68 12.08 -24.39 12.80
C THR B 68 12.46 -23.22 11.90
N LYS B 69 11.56 -22.26 11.76
CA LYS B 69 11.84 -21.08 10.94
C LYS B 69 11.88 -19.88 11.87
N LEU B 70 12.56 -18.82 11.44
CA LEU B 70 12.64 -17.62 12.24
C LEU B 70 11.78 -16.53 11.64
N TRP B 71 10.85 -16.01 12.44
CA TRP B 71 9.95 -14.96 12.01
C TRP B 71 10.66 -13.63 12.18
N GLU B 72 10.88 -12.92 11.07
CA GLU B 72 11.55 -11.62 11.08
C GLU B 72 10.53 -10.55 10.72
N LYS B 73 10.85 -9.30 11.02
CA LYS B 73 9.92 -8.20 10.71
C LYS B 73 9.74 -8.04 9.20
N SER B 74 10.54 -8.75 8.43
CA SER B 74 10.48 -8.67 6.98
C SER B 74 10.21 -9.99 6.26
N SER B 75 9.87 -11.04 7.00
CA SER B 75 9.59 -12.34 6.41
C SER B 75 8.41 -12.30 5.45
N LYS B 76 8.48 -13.11 4.40
CA LYS B 76 7.42 -13.16 3.40
C LYS B 76 6.49 -14.35 3.60
N GLY B 77 7.03 -15.46 4.09
CA GLY B 77 6.23 -16.65 4.31
C GLY B 77 6.91 -17.88 3.75
N TRP B 78 6.45 -19.06 4.18
CA TRP B 78 7.04 -20.32 3.72
C TRP B 78 5.94 -21.31 3.39
N TYR B 79 6.32 -22.43 2.80
CA TYR B 79 5.37 -23.48 2.48
C TYR B 79 6.06 -24.84 2.51
N TRP B 80 5.28 -25.89 2.74
CA TRP B 80 5.81 -27.23 2.79
C TRP B 80 4.84 -28.11 2.00
N LYS B 81 5.36 -28.99 1.16
CA LYS B 81 4.48 -29.89 0.41
C LYS B 81 4.37 -31.07 1.35
N PHE B 82 3.18 -31.63 1.53
CA PHE B 82 3.08 -32.66 2.53
C PHE B 82 3.44 -34.12 2.44
N PRO B 83 2.88 -34.87 1.48
CA PRO B 83 3.39 -36.26 1.58
C PRO B 83 4.92 -36.18 1.74
N ASP B 84 5.51 -35.28 0.93
CA ASP B 84 6.95 -35.01 0.86
C ASP B 84 7.75 -34.75 2.15
N VAL B 85 7.38 -33.74 2.93
CA VAL B 85 8.11 -33.41 4.15
C VAL B 85 8.54 -34.58 5.03
N LEU B 86 7.80 -35.68 4.96
CA LEU B 86 8.07 -36.85 5.79
C LEU B 86 8.73 -38.04 5.11
N THR B 87 8.82 -38.02 3.79
CA THR B 87 9.38 -39.15 3.06
C THR B 87 10.79 -39.61 3.43
N GLU B 88 11.53 -38.81 4.18
CA GLU B 88 12.88 -39.21 4.58
C GLU B 88 13.04 -39.23 6.09
N THR B 89 11.91 -39.34 6.79
CA THR B 89 11.90 -39.34 8.25
C THR B 89 11.18 -40.52 8.88
N GLY B 90 11.78 -41.06 9.94
CA GLY B 90 11.20 -42.18 10.67
C GLY B 90 10.72 -43.38 9.88
N VAL B 91 9.84 -44.17 10.49
CA VAL B 91 9.30 -45.35 9.86
C VAL B 91 8.27 -44.98 8.79
N PHE B 92 7.72 -43.77 8.86
CA PHE B 92 6.76 -43.35 7.85
C PHE B 92 7.52 -43.26 6.54
N GLY B 93 8.69 -42.61 6.59
CA GLY B 93 9.50 -42.46 5.41
C GLY B 93 9.90 -43.79 4.79
N GLN B 94 10.27 -44.75 5.62
CA GLN B 94 10.67 -46.07 5.12
C GLN B 94 9.53 -46.74 4.36
N ASN B 95 8.34 -46.68 4.92
CA ASN B 95 7.19 -47.29 4.28
C ASN B 95 6.85 -46.57 2.99
N ALA B 96 7.01 -45.24 2.99
CA ALA B 96 6.73 -44.43 1.82
C ALA B 96 7.71 -44.73 0.69
N GLN B 97 8.90 -45.17 1.06
CA GLN B 97 9.94 -45.51 0.08
C GLN B 97 9.82 -46.94 -0.43
N PHE B 98 9.52 -47.87 0.46
CA PHE B 98 9.40 -49.28 0.08
C PHE B 98 8.11 -49.60 -0.66
N HIS B 99 7.06 -48.84 -0.42
CA HIS B 99 5.78 -49.07 -1.08
C HIS B 99 5.49 -48.11 -2.22
N TYR B 100 4.82 -48.61 -3.23
CA TYR B 100 4.46 -47.79 -4.38
C TYR B 100 3.31 -46.88 -4.00
N LEU B 101 2.26 -47.47 -3.45
CA LEU B 101 1.06 -46.75 -3.04
C LEU B 101 1.05 -46.32 -1.57
N TYR B 102 0.55 -45.12 -1.33
CA TYR B 102 0.47 -44.55 0.00
C TYR B 102 -0.86 -43.80 0.13
N ARG B 103 -1.35 -43.71 1.36
CA ARG B 103 -2.61 -43.03 1.63
C ARG B 103 -2.61 -42.63 3.10
N SER B 104 -3.09 -41.43 3.42
CA SER B 104 -3.15 -40.99 4.81
C SER B 104 -3.64 -39.56 4.99
N GLY B 105 -4.09 -39.28 6.21
CA GLY B 105 -4.53 -37.94 6.54
C GLY B 105 -3.44 -37.35 7.40
N PHE B 106 -3.60 -36.12 7.85
CA PHE B 106 -2.57 -35.51 8.69
C PHE B 106 -3.15 -34.61 9.77
N CYS B 107 -2.41 -34.49 10.86
CA CYS B 107 -2.80 -33.59 11.93
C CYS B 107 -1.63 -32.63 11.99
N ILE B 108 -1.85 -31.41 11.52
CA ILE B 108 -0.80 -30.41 11.49
C ILE B 108 -0.90 -29.43 12.65
N HIS B 109 0.19 -29.26 13.37
CA HIS B 109 0.20 -28.35 14.50
C HIS B 109 1.36 -27.37 14.37
N VAL B 110 1.06 -26.15 13.95
CA VAL B 110 2.06 -25.10 13.81
C VAL B 110 2.12 -24.34 15.12
N GLN B 111 3.30 -24.22 15.70
CA GLN B 111 3.40 -23.51 16.96
C GLN B 111 4.39 -22.34 16.91
N CYS B 112 3.99 -21.23 17.52
CA CYS B 112 4.80 -20.02 17.57
C CYS B 112 4.34 -19.14 18.70
N ASN B 113 5.19 -18.96 19.71
CA ASN B 113 4.83 -18.13 20.84
C ASN B 113 5.73 -16.90 20.94
N ALA B 114 5.20 -15.86 21.58
CA ALA B 114 5.91 -14.61 21.78
C ALA B 114 5.62 -14.15 23.20
N SER B 115 5.24 -12.88 23.35
CA SER B 115 4.91 -12.36 24.68
C SER B 115 3.72 -11.42 24.54
N LYS B 116 3.25 -10.90 25.67
CA LYS B 116 2.11 -10.00 25.63
C LYS B 116 2.47 -8.63 25.11
N PHE B 117 3.74 -8.46 24.74
CA PHE B 117 4.22 -7.18 24.21
C PHE B 117 4.66 -7.27 22.74
N HIS B 118 4.61 -8.48 22.17
CA HIS B 118 4.94 -8.67 20.75
C HIS B 118 3.61 -8.68 20.00
N GLN B 119 3.65 -8.55 18.68
CA GLN B 119 2.43 -8.56 17.89
C GLN B 119 2.68 -9.06 16.49
N GLY B 120 1.62 -9.55 15.84
CA GLY B 120 1.75 -10.06 14.49
C GLY B 120 0.73 -11.16 14.27
N ALA B 121 0.45 -11.47 13.01
CA ALA B 121 -0.52 -12.52 12.68
C ALA B 121 -0.09 -13.36 11.51
N LEU B 122 -0.09 -14.68 11.71
CA LEU B 122 0.29 -15.63 10.68
C LEU B 122 -0.94 -16.34 10.17
N LEU B 123 -1.03 -16.52 8.86
CA LEU B 123 -2.14 -17.25 8.28
C LEU B 123 -1.59 -18.64 8.00
N VAL B 124 -2.18 -19.65 8.65
CA VAL B 124 -1.75 -21.03 8.45
C VAL B 124 -2.83 -21.74 7.66
N ALA B 125 -2.55 -22.06 6.41
CA ALA B 125 -3.56 -22.70 5.58
C ALA B 125 -3.07 -23.94 4.83
N ILE B 126 -4.04 -24.75 4.40
CA ILE B 126 -3.78 -25.97 3.67
C ILE B 126 -4.32 -25.79 2.26
N LEU B 127 -3.44 -25.85 1.27
CA LEU B 127 -3.88 -25.70 -0.11
C LEU B 127 -3.66 -26.98 -0.89
N PRO B 128 -4.74 -27.73 -1.17
CA PRO B 128 -4.63 -28.99 -1.91
C PRO B 128 -4.09 -28.78 -3.32
N GLU B 129 -3.33 -29.75 -3.82
CA GLU B 129 -2.73 -29.65 -5.15
C GLU B 129 -2.11 -28.28 -5.34
N TYR B 130 -1.17 -27.94 -4.47
CA TYR B 130 -0.50 -26.64 -4.54
C TYR B 130 0.58 -26.61 -5.61
N VAL B 131 0.19 -26.31 -6.84
CA VAL B 131 1.10 -26.25 -7.96
C VAL B 131 1.81 -24.90 -7.99
N ILE B 132 3.15 -24.94 -8.05
CA ILE B 132 4.00 -23.76 -8.08
C ILE B 132 4.25 -23.26 -9.51
N GLY B 133 4.23 -21.95 -9.70
CA GLY B 133 4.48 -21.38 -11.02
C GLY B 133 5.75 -20.57 -10.96
N THR B 134 6.23 -20.05 -12.09
CA THR B 134 7.44 -19.24 -12.09
C THR B 134 7.09 -17.85 -12.59
N VAL B 135 8.02 -16.92 -12.42
CA VAL B 135 7.83 -15.54 -12.85
C VAL B 135 7.96 -15.41 -14.36
N ALA B 136 8.21 -16.53 -15.04
CA ALA B 136 8.35 -16.56 -16.48
C ALA B 136 9.39 -15.57 -17.02
N GLY B 137 10.58 -15.56 -16.42
CA GLY B 137 11.62 -14.66 -16.86
C GLY B 137 11.32 -13.18 -16.69
N GLY B 138 10.36 -12.86 -15.83
CA GLY B 138 10.00 -11.48 -15.58
C GLY B 138 9.09 -10.87 -16.63
N THR B 139 9.48 -10.97 -17.89
CA THR B 139 8.69 -10.43 -18.99
C THR B 139 7.44 -11.25 -19.26
N GLY B 140 7.53 -12.55 -19.02
CA GLY B 140 6.40 -13.43 -19.25
C GLY B 140 6.44 -14.08 -20.62
N THR B 141 7.59 -14.01 -21.28
CA THR B 141 7.73 -14.61 -22.60
C THR B 141 8.51 -15.91 -22.55
N GLU B 142 9.14 -16.17 -21.41
CA GLU B 142 9.91 -17.39 -21.23
C GLU B 142 9.14 -18.45 -20.45
N ASP B 143 8.90 -19.60 -21.08
CA ASP B 143 8.17 -20.69 -20.43
C ASP B 143 9.11 -21.49 -19.53
N SER B 144 9.45 -20.92 -18.39
CA SER B 144 10.34 -21.58 -17.45
C SER B 144 9.50 -22.36 -16.45
N HIS B 145 10.14 -23.31 -15.76
CA HIS B 145 9.43 -24.11 -14.77
C HIS B 145 10.19 -24.19 -13.46
N PRO B 146 9.47 -24.36 -12.34
CA PRO B 146 10.10 -24.44 -11.02
C PRO B 146 10.93 -25.70 -10.90
N PRO B 147 12.14 -25.59 -10.32
CA PRO B 147 13.03 -26.74 -10.14
C PRO B 147 12.53 -27.71 -9.06
N TYR B 148 13.03 -28.94 -9.10
CA TYR B 148 12.66 -29.97 -8.14
C TYR B 148 12.84 -29.47 -6.71
N LYS B 149 13.90 -28.68 -6.50
CA LYS B 149 14.21 -28.13 -5.17
C LYS B 149 13.12 -27.21 -4.65
N GLN B 150 12.30 -26.67 -5.56
CA GLN B 150 11.24 -25.75 -5.18
C GLN B 150 9.84 -26.37 -5.14
N THR B 151 9.58 -27.33 -6.01
CA THR B 151 8.27 -27.98 -6.05
C THR B 151 8.13 -28.97 -4.90
N GLN B 152 9.25 -29.58 -4.52
CA GLN B 152 9.27 -30.54 -3.41
C GLN B 152 10.49 -30.24 -2.54
N PRO B 153 10.43 -29.14 -1.77
CA PRO B 153 11.46 -28.63 -0.86
C PRO B 153 11.87 -29.51 0.30
N GLY B 154 11.12 -30.57 0.55
CA GLY B 154 11.46 -31.45 1.65
C GLY B 154 11.02 -30.88 2.99
N ALA B 155 11.71 -31.29 4.05
CA ALA B 155 11.42 -30.85 5.41
C ALA B 155 11.84 -29.41 5.71
N ASP B 156 12.81 -28.90 4.96
CA ASP B 156 13.29 -27.54 5.19
C ASP B 156 12.30 -26.50 4.68
N GLY B 157 11.27 -26.95 3.98
CA GLY B 157 10.30 -26.02 3.44
C GLY B 157 10.96 -25.11 2.42
N PHE B 158 10.21 -24.13 1.91
CA PHE B 158 10.75 -23.20 0.93
C PHE B 158 10.11 -21.84 1.21
N GLU B 159 10.81 -20.77 0.91
CA GLU B 159 10.29 -19.43 1.16
C GLU B 159 9.59 -18.85 -0.07
N LEU B 160 8.50 -18.14 0.17
CA LEU B 160 7.73 -17.52 -0.91
C LEU B 160 8.43 -16.26 -1.41
N GLN B 161 8.51 -16.11 -2.73
CA GLN B 161 9.14 -14.95 -3.34
C GLN B 161 8.11 -13.86 -3.61
N HIS B 162 6.88 -14.27 -3.89
CA HIS B 162 5.78 -13.35 -4.17
C HIS B 162 4.53 -13.86 -3.47
N PRO B 163 4.48 -13.76 -2.13
CA PRO B 163 3.34 -14.23 -1.35
C PRO B 163 1.97 -13.72 -1.77
N TYR B 164 1.91 -12.48 -2.27
CA TYR B 164 0.63 -11.91 -2.68
C TYR B 164 -0.10 -12.79 -3.67
N VAL B 165 0.65 -13.46 -4.53
CA VAL B 165 0.08 -14.35 -5.55
C VAL B 165 0.42 -15.81 -5.27
N LEU B 166 0.90 -16.09 -4.06
CA LEU B 166 1.26 -17.44 -3.66
C LEU B 166 2.19 -18.15 -4.63
N ASP B 167 3.00 -17.37 -5.36
CA ASP B 167 3.92 -17.94 -6.34
C ASP B 167 3.21 -18.83 -7.34
N ALA B 168 1.91 -18.63 -7.51
CA ALA B 168 1.13 -19.44 -8.44
C ALA B 168 0.04 -18.64 -9.15
N GLY B 169 0.17 -17.32 -9.13
CA GLY B 169 -0.81 -16.48 -9.81
C GLY B 169 -2.20 -16.40 -9.22
N ILE B 170 -2.35 -16.82 -7.97
CA ILE B 170 -3.65 -16.79 -7.28
C ILE B 170 -3.54 -15.93 -6.03
N PRO B 171 -4.59 -15.16 -5.69
CA PRO B 171 -4.62 -14.27 -4.54
C PRO B 171 -4.60 -14.95 -3.18
N ILE B 172 -3.73 -14.48 -2.30
CA ILE B 172 -3.63 -15.05 -0.97
C ILE B 172 -4.82 -14.58 -0.13
N SER B 173 -5.43 -13.48 -0.53
CA SER B 173 -6.57 -12.94 0.21
C SER B 173 -7.75 -13.89 0.21
N GLN B 174 -7.74 -14.85 -0.71
CA GLN B 174 -8.82 -15.83 -0.82
C GLN B 174 -8.39 -17.19 -0.32
N LEU B 175 -7.16 -17.28 0.16
CA LEU B 175 -6.62 -18.54 0.65
C LEU B 175 -7.41 -19.09 1.83
N THR B 176 -8.32 -18.27 2.37
CA THR B 176 -9.11 -18.71 3.50
C THR B 176 -10.29 -19.60 3.13
N VAL B 177 -10.44 -19.93 1.85
CA VAL B 177 -11.52 -20.82 1.43
C VAL B 177 -11.01 -22.24 1.65
N CYS B 178 -9.78 -22.33 2.14
CA CYS B 178 -9.13 -23.60 2.43
C CYS B 178 -9.04 -23.78 3.92
N PRO B 179 -8.96 -25.03 4.40
CA PRO B 179 -8.87 -25.25 5.83
C PRO B 179 -7.73 -24.40 6.36
N HIS B 180 -8.03 -23.46 7.24
CA HIS B 180 -6.98 -22.60 7.77
C HIS B 180 -7.24 -22.23 9.22
N GLN B 181 -6.30 -21.47 9.76
CA GLN B 181 -6.38 -20.99 11.13
C GLN B 181 -5.34 -19.88 11.21
N TRP B 182 -5.49 -18.96 12.16
CA TRP B 182 -4.53 -17.87 12.30
C TRP B 182 -3.80 -17.97 13.61
N ILE B 183 -2.59 -17.43 13.66
CA ILE B 183 -1.85 -17.38 14.90
C ILE B 183 -1.66 -15.89 15.15
N ASN B 184 -2.53 -15.33 15.98
CA ASN B 184 -2.48 -13.93 16.32
C ASN B 184 -1.81 -13.92 17.69
N LEU B 185 -0.57 -13.44 17.75
CA LEU B 185 0.20 -13.44 18.99
C LEU B 185 -0.50 -12.93 20.25
N ARG B 186 -1.46 -12.02 20.11
CA ARG B 186 -2.16 -11.50 21.28
C ARG B 186 -3.26 -12.44 21.71
N THR B 187 -3.51 -13.47 20.91
CA THR B 187 -4.58 -14.43 21.18
C THR B 187 -4.15 -15.87 21.38
N ASN B 188 -3.51 -16.45 20.39
CA ASN B 188 -3.06 -17.83 20.48
C ASN B 188 -1.62 -18.00 20.06
N ASN B 189 -1.03 -19.14 20.38
CA ASN B 189 0.35 -19.40 20.02
C ASN B 189 0.52 -20.67 19.20
N CYS B 190 -0.56 -21.11 18.55
CA CYS B 190 -0.51 -22.31 17.73
C CYS B 190 -1.78 -22.50 16.91
N ALA B 191 -1.65 -23.27 15.83
CA ALA B 191 -2.77 -23.58 14.95
C ALA B 191 -2.81 -25.09 14.73
N THR B 192 -3.99 -25.68 14.83
CA THR B 192 -4.14 -27.12 14.64
C THR B 192 -5.16 -27.37 13.54
N ILE B 193 -4.73 -28.10 12.51
CA ILE B 193 -5.60 -28.43 11.38
C ILE B 193 -5.51 -29.93 11.10
N ILE B 194 -6.66 -30.58 11.00
CA ILE B 194 -6.70 -32.00 10.71
C ILE B 194 -7.19 -32.16 9.28
N VAL B 195 -6.37 -32.81 8.45
CA VAL B 195 -6.67 -32.99 7.05
C VAL B 195 -6.91 -34.45 6.66
N PRO B 196 -8.00 -34.72 5.94
CA PRO B 196 -8.32 -36.08 5.50
C PRO B 196 -7.54 -36.34 4.22
N TYR B 197 -7.52 -37.58 3.74
CA TYR B 197 -6.81 -37.85 2.51
C TYR B 197 -7.62 -37.28 1.37
N MET B 198 -7.02 -36.39 0.60
CA MET B 198 -7.71 -35.80 -0.53
C MET B 198 -6.95 -36.00 -1.83
N ASN B 199 -7.61 -36.66 -2.77
CA ASN B 199 -7.03 -36.96 -4.07
C ASN B 199 -8.16 -37.60 -4.88
N THR B 200 -7.98 -37.70 -6.19
CA THR B 200 -8.99 -38.29 -7.06
C THR B 200 -8.78 -39.80 -7.18
N LEU B 201 -7.82 -40.31 -6.41
CA LEU B 201 -7.50 -41.73 -6.41
C LEU B 201 -7.49 -42.22 -4.96
N PRO B 202 -7.78 -43.51 -4.75
CA PRO B 202 -7.79 -44.06 -3.39
C PRO B 202 -6.39 -44.13 -2.77
N PHE B 203 -5.37 -44.36 -3.61
CA PHE B 203 -3.98 -44.43 -3.18
C PHE B 203 -3.16 -43.73 -4.26
N ASP B 204 -1.96 -43.31 -3.90
CA ASP B 204 -1.08 -42.67 -4.88
C ASP B 204 0.35 -42.72 -4.35
N SER B 205 1.31 -42.34 -5.19
CA SER B 205 2.71 -42.34 -4.80
C SER B 205 3.04 -41.19 -3.85
N ALA B 206 3.77 -41.49 -2.78
CA ALA B 206 4.15 -40.46 -1.82
C ALA B 206 5.35 -39.69 -2.33
N LEU B 207 5.95 -40.20 -3.40
CA LEU B 207 7.13 -39.57 -3.98
C LEU B 207 6.82 -38.60 -5.12
N ASN B 208 6.04 -39.06 -6.10
CA ASN B 208 5.71 -38.23 -7.24
C ASN B 208 4.61 -37.21 -7.01
N HIS B 209 3.70 -37.51 -6.09
CA HIS B 209 2.57 -36.61 -5.85
C HIS B 209 2.50 -36.03 -4.45
N CYS B 210 2.18 -34.74 -4.38
CA CYS B 210 2.01 -34.03 -3.11
C CYS B 210 0.56 -33.59 -3.03
N ASN B 211 -0.20 -34.27 -2.21
CA ASN B 211 -1.63 -34.00 -2.05
C ASN B 211 -1.99 -32.57 -1.71
N PHE B 212 -1.18 -31.91 -0.89
CA PHE B 212 -1.47 -30.54 -0.52
C PHE B 212 -0.22 -29.84 0.00
N GLY B 213 -0.34 -28.53 0.22
CA GLY B 213 0.78 -27.77 0.72
C GLY B 213 0.37 -26.98 1.95
N LEU B 214 1.30 -26.84 2.89
CA LEU B 214 1.04 -26.08 4.11
C LEU B 214 1.66 -24.71 3.93
N LEU B 215 0.84 -23.67 4.06
CA LEU B 215 1.33 -22.31 3.91
C LEU B 215 1.27 -21.57 5.22
N VAL B 216 2.39 -20.95 5.60
CA VAL B 216 2.46 -20.16 6.82
C VAL B 216 2.92 -18.80 6.33
N VAL B 217 2.01 -17.82 6.33
CA VAL B 217 2.34 -16.50 5.82
C VAL B 217 1.97 -15.34 6.75
N PRO B 218 2.91 -14.41 6.99
CA PRO B 218 2.65 -13.27 7.85
C PRO B 218 1.79 -12.23 7.14
N ILE B 219 0.54 -12.07 7.58
CA ILE B 219 -0.35 -11.10 6.96
C ILE B 219 -0.22 -9.77 7.69
N SER B 220 0.05 -9.84 8.98
CA SER B 220 0.27 -8.66 9.82
C SER B 220 1.69 -8.84 10.34
N PRO B 221 2.61 -7.97 9.89
CA PRO B 221 4.02 -8.02 10.30
C PRO B 221 4.31 -8.11 11.78
N LEU B 222 5.35 -8.87 12.10
CA LEU B 222 5.81 -9.05 13.48
C LEU B 222 6.42 -7.73 13.91
N ASP B 223 6.20 -7.35 15.16
CA ASP B 223 6.77 -6.10 15.65
C ASP B 223 6.90 -6.12 17.16
N PHE B 224 7.88 -5.38 17.66
CA PHE B 224 8.14 -5.28 19.09
C PHE B 224 9.18 -4.19 19.31
N ASP B 225 9.30 -3.74 20.56
CA ASP B 225 10.27 -2.70 20.88
C ASP B 225 11.62 -3.32 21.23
N GLN B 226 12.70 -2.60 20.92
CA GLN B 226 14.04 -3.11 21.18
C GLN B 226 14.24 -3.41 22.66
N GLY B 227 14.60 -4.66 22.95
CA GLY B 227 14.81 -5.09 24.32
C GLY B 227 14.08 -6.41 24.55
N ALA B 228 12.97 -6.59 23.85
CA ALA B 228 12.17 -7.80 23.94
C ALA B 228 12.90 -8.82 23.07
N THR B 229 12.93 -10.09 23.49
CA THR B 229 13.64 -11.09 22.70
C THR B 229 13.25 -10.99 21.23
N PRO B 230 14.24 -10.82 20.34
CA PRO B 230 14.09 -10.69 18.90
C PRO B 230 13.95 -11.98 18.09
N VAL B 231 14.26 -13.11 18.71
CA VAL B 231 14.17 -14.40 18.02
C VAL B 231 12.82 -15.06 18.30
N ILE B 232 11.96 -15.04 17.29
CA ILE B 232 10.62 -15.63 17.40
C ILE B 232 10.48 -16.75 16.38
N PRO B 233 10.70 -18.00 16.81
CA PRO B 233 10.60 -19.17 15.95
C PRO B 233 9.18 -19.64 15.65
N ILE B 234 9.05 -20.35 14.54
CA ILE B 234 7.78 -20.92 14.09
C ILE B 234 8.13 -22.39 13.85
N THR B 235 7.60 -23.28 14.68
CA THR B 235 7.89 -24.70 14.51
C THR B 235 6.71 -25.48 13.95
N ILE B 236 7.01 -26.42 13.07
CA ILE B 236 5.99 -27.24 12.43
C ILE B 236 6.04 -28.69 12.91
N THR B 237 4.95 -29.13 13.51
CA THR B 237 4.85 -30.51 13.99
C THR B 237 3.66 -31.12 13.27
N LEU B 238 3.82 -32.34 12.78
CA LEU B 238 2.75 -32.99 12.03
C LEU B 238 2.72 -34.49 12.23
N ALA B 239 1.52 -35.07 12.21
CA ALA B 239 1.38 -36.50 12.41
C ALA B 239 0.47 -37.14 11.37
N PRO B 240 0.94 -38.22 10.74
CA PRO B 240 0.10 -38.90 9.74
C PRO B 240 -1.06 -39.55 10.48
N MET B 241 -2.14 -39.84 9.77
CA MET B 241 -3.30 -40.49 10.39
C MET B 241 -3.90 -41.50 9.44
N CYS B 242 -4.20 -42.70 9.94
CA CYS B 242 -4.78 -43.74 9.12
C CYS B 242 -3.91 -44.04 7.91
N SER B 243 -2.61 -44.16 8.15
CA SER B 243 -1.66 -44.45 7.08
C SER B 243 -1.81 -45.87 6.57
N GLU B 244 -1.82 -46.02 5.25
CA GLU B 244 -1.94 -47.30 4.58
C GLU B 244 -0.94 -47.32 3.43
N PHE B 245 -0.25 -48.44 3.23
CA PHE B 245 0.71 -48.56 2.15
C PHE B 245 0.48 -49.90 1.44
N ALA B 246 0.80 -49.94 0.15
CA ALA B 246 0.61 -51.17 -0.64
C ALA B 246 1.58 -51.17 -1.82
N GLY B 247 1.72 -52.30 -2.48
CA GLY B 247 2.62 -52.39 -3.62
C GLY B 247 4.07 -52.39 -3.16
N LEU B 248 4.43 -53.38 -2.37
CA LEU B 248 5.78 -53.50 -1.82
C LEU B 248 6.83 -53.90 -2.83
N ARG B 249 8.03 -53.34 -2.65
CA ARG B 249 9.19 -53.59 -3.52
C ARG B 249 10.43 -53.10 -2.77
N GLN B 250 11.49 -52.73 -3.50
CA GLN B 250 12.69 -52.24 -2.85
C GLN B 250 12.52 -50.75 -2.54
N ALA B 251 13.38 -50.21 -1.70
CA ALA B 251 13.29 -48.80 -1.34
C ALA B 251 13.68 -47.90 -2.50
N VAL B 252 12.80 -46.94 -2.79
CA VAL B 252 13.03 -45.98 -3.87
C VAL B 252 13.03 -44.59 -3.25
N THR B 253 14.03 -43.78 -3.58
CA THR B 253 14.14 -42.44 -3.03
C THR B 253 13.34 -41.41 -3.82
N GLN B 254 13.23 -41.63 -5.13
CA GLN B 254 12.50 -40.72 -5.99
C GLN B 254 12.24 -41.34 -7.38
N GLY C 1 -45.59 -38.68 -43.68
CA GLY C 1 -45.19 -38.60 -42.25
C GLY C 1 -46.15 -37.76 -41.42
N PHE C 2 -45.83 -37.59 -40.14
CA PHE C 2 -46.65 -36.81 -39.22
C PHE C 2 -46.51 -35.33 -39.55
N PRO C 3 -47.63 -34.65 -39.86
CA PRO C 3 -47.65 -33.23 -40.18
C PRO C 3 -47.03 -32.31 -39.13
N THR C 4 -45.94 -31.64 -39.47
CA THR C 4 -45.29 -30.72 -38.54
C THR C 4 -45.14 -29.34 -39.19
N GLU C 5 -44.74 -28.34 -38.40
CA GLU C 5 -44.60 -26.98 -38.91
C GLU C 5 -43.55 -26.18 -38.10
N PRO C 6 -42.27 -26.24 -38.51
CA PRO C 6 -41.16 -25.54 -37.83
C PRO C 6 -41.42 -24.04 -37.61
N LYS C 7 -41.13 -23.56 -36.40
CA LYS C 7 -41.35 -22.17 -36.04
C LYS C 7 -40.04 -21.37 -35.99
N PRO C 8 -40.12 -20.05 -35.79
CA PRO C 8 -38.91 -19.24 -35.71
C PRO C 8 -38.03 -19.79 -34.59
N GLY C 9 -36.72 -19.70 -34.75
CA GLY C 9 -35.83 -20.23 -33.74
C GLY C 9 -35.27 -21.55 -34.23
N THR C 10 -35.78 -22.00 -35.38
CA THR C 10 -35.33 -23.23 -35.99
C THR C 10 -33.86 -23.06 -36.39
N ASN C 11 -33.05 -24.09 -36.12
CA ASN C 11 -31.63 -24.10 -36.46
C ASN C 11 -30.73 -23.17 -35.64
N GLN C 12 -31.31 -22.29 -34.83
CA GLN C 12 -30.47 -21.39 -34.04
C GLN C 12 -29.71 -22.13 -32.96
N PHE C 13 -28.56 -21.59 -32.59
CA PHE C 13 -27.74 -22.19 -31.55
C PHE C 13 -27.71 -21.23 -30.37
N LEU C 14 -28.57 -21.49 -29.39
CA LEU C 14 -28.63 -20.67 -28.19
C LEU C 14 -27.67 -21.24 -27.16
N THR C 15 -26.66 -20.46 -26.83
CA THR C 15 -25.63 -20.84 -25.88
C THR C 15 -26.13 -21.46 -24.58
N THR C 16 -27.20 -20.90 -24.02
CA THR C 16 -27.77 -21.37 -22.77
C THR C 16 -28.95 -22.32 -22.89
N ASP C 17 -29.28 -22.76 -24.11
CA ASP C 17 -30.39 -23.68 -24.28
C ASP C 17 -29.99 -25.01 -23.68
N ASP C 18 -30.88 -25.59 -22.87
CA ASP C 18 -30.63 -26.87 -22.22
C ASP C 18 -31.41 -28.00 -22.89
N GLY C 19 -30.86 -28.53 -23.98
CA GLY C 19 -31.55 -29.60 -24.68
C GLY C 19 -30.78 -30.91 -24.67
N VAL C 20 -31.25 -31.84 -25.49
CA VAL C 20 -30.64 -33.16 -25.60
C VAL C 20 -29.73 -33.19 -26.83
N SER C 21 -28.67 -33.99 -26.78
CA SER C 21 -27.72 -34.11 -27.88
C SER C 21 -27.30 -35.56 -28.06
N ALA C 22 -27.13 -35.99 -29.30
CA ALA C 22 -26.74 -37.37 -29.56
C ALA C 22 -25.45 -37.76 -28.86
N PRO C 23 -25.46 -38.89 -28.13
CA PRO C 23 -24.26 -39.36 -27.42
C PRO C 23 -23.25 -39.97 -28.38
N ILE C 24 -21.98 -39.62 -28.22
CA ILE C 24 -20.95 -40.12 -29.11
C ILE C 24 -20.50 -41.54 -28.79
N LEU C 25 -20.59 -41.93 -27.53
CA LEU C 25 -20.15 -43.28 -27.14
C LEU C 25 -21.26 -44.13 -26.55
N PRO C 26 -21.84 -45.03 -27.35
CA PRO C 26 -22.90 -45.92 -26.89
C PRO C 26 -22.42 -46.88 -25.82
N ASN C 27 -23.26 -47.07 -24.79
CA ASN C 27 -22.98 -47.97 -23.69
C ASN C 27 -21.72 -47.66 -22.90
N PHE C 28 -21.21 -46.44 -23.01
CA PHE C 28 -20.03 -46.06 -22.26
C PHE C 28 -20.41 -45.84 -20.80
N HIS C 29 -19.57 -46.31 -19.89
CA HIS C 29 -19.82 -46.14 -18.46
C HIS C 29 -18.62 -45.45 -17.80
N PRO C 30 -18.85 -44.27 -17.19
CA PRO C 30 -17.81 -43.49 -16.54
C PRO C 30 -17.15 -44.11 -15.31
N THR C 31 -15.93 -43.68 -15.03
CA THR C 31 -15.19 -44.17 -13.88
C THR C 31 -16.02 -43.85 -12.64
N PRO C 32 -16.17 -44.82 -11.73
CA PRO C 32 -16.94 -44.62 -10.50
C PRO C 32 -16.46 -43.36 -9.78
N CYS C 33 -17.36 -42.71 -9.06
CA CYS C 33 -16.96 -41.51 -8.35
C CYS C 33 -16.60 -41.82 -6.89
N ILE C 34 -15.31 -41.72 -6.59
CA ILE C 34 -14.79 -41.95 -5.25
C ILE C 34 -15.34 -40.83 -4.37
N HIS C 35 -15.08 -40.89 -3.08
CA HIS C 35 -15.52 -39.83 -2.21
C HIS C 35 -14.39 -38.81 -2.14
N ILE C 36 -14.70 -37.55 -2.42
CA ILE C 36 -13.68 -36.51 -2.37
C ILE C 36 -14.13 -35.40 -1.41
N PRO C 37 -13.23 -34.97 -0.52
CA PRO C 37 -13.55 -33.91 0.44
C PRO C 37 -13.79 -32.55 -0.22
N GLY C 38 -14.54 -31.70 0.48
CA GLY C 38 -14.79 -30.35 -0.01
C GLY C 38 -15.66 -30.18 -1.23
N GLU C 39 -16.70 -30.99 -1.38
CA GLU C 39 -17.59 -30.86 -2.51
C GLU C 39 -18.50 -29.63 -2.37
N VAL C 40 -18.63 -28.88 -3.45
CA VAL C 40 -19.46 -27.68 -3.48
C VAL C 40 -20.79 -27.99 -4.18
N ARG C 41 -21.88 -27.51 -3.62
CA ARG C 41 -23.21 -27.74 -4.18
C ARG C 41 -23.83 -26.46 -4.74
N ASN C 42 -23.49 -25.33 -4.11
CA ASN C 42 -24.02 -24.03 -4.51
C ASN C 42 -22.95 -22.96 -4.28
N LEU C 43 -22.84 -21.99 -5.19
CA LEU C 43 -21.82 -20.95 -5.06
C LEU C 43 -22.02 -20.08 -3.82
N LEU C 44 -23.24 -20.01 -3.30
CA LEU C 44 -23.50 -19.21 -2.12
C LEU C 44 -22.72 -19.73 -0.92
N GLU C 45 -22.29 -20.98 -1.00
CA GLU C 45 -21.49 -21.58 0.07
C GLU C 45 -20.16 -20.84 0.16
N LEU C 46 -19.68 -20.36 -0.99
CA LEU C 46 -18.41 -19.64 -1.06
C LEU C 46 -18.54 -18.16 -0.70
N CYS C 47 -19.71 -17.59 -0.94
CA CYS C 47 -19.95 -16.19 -0.65
C CYS C 47 -19.99 -15.94 0.85
N GLN C 48 -20.11 -17.00 1.63
CA GLN C 48 -20.17 -16.86 3.08
C GLN C 48 -18.82 -17.07 3.77
N VAL C 49 -17.80 -17.40 2.98
CA VAL C 49 -16.46 -17.60 3.50
C VAL C 49 -15.73 -16.27 3.40
N GLU C 50 -15.22 -15.78 4.53
CA GLU C 50 -14.51 -14.51 4.56
C GLU C 50 -13.16 -14.56 3.89
N THR C 51 -12.88 -13.55 3.08
CA THR C 51 -11.61 -13.42 2.38
C THR C 51 -11.14 -12.00 2.64
N ILE C 52 -9.83 -11.79 2.62
CA ILE C 52 -9.26 -10.48 2.90
C ILE C 52 -9.73 -9.35 2.00
N LEU C 53 -10.26 -8.31 2.63
CA LEU C 53 -10.76 -7.12 1.93
C LEU C 53 -9.65 -6.08 1.89
N GLU C 54 -9.24 -5.71 0.68
CA GLU C 54 -8.18 -4.72 0.49
C GLU C 54 -8.66 -3.28 0.70
N VAL C 55 -8.88 -2.91 1.96
CA VAL C 55 -9.33 -1.56 2.29
C VAL C 55 -8.22 -0.56 1.92
N ASN C 56 -6.97 -0.97 2.12
CA ASN C 56 -5.83 -0.12 1.81
C ASN C 56 -5.36 -0.35 0.38
N ASN C 57 -6.26 -0.15 -0.58
CA ASN C 57 -5.94 -0.33 -1.99
C ASN C 57 -5.28 0.91 -2.55
N VAL C 58 -4.15 1.29 -1.96
CA VAL C 58 -3.41 2.47 -2.37
C VAL C 58 -2.08 2.11 -3.04
N PRO C 59 -1.20 1.34 -2.35
CA PRO C 59 0.10 0.94 -2.91
C PRO C 59 -0.03 0.14 -4.20
N THR C 60 0.66 0.57 -5.26
CA THR C 60 0.62 -0.14 -6.52
C THR C 60 2.05 -0.57 -6.88
N ASN C 61 3.00 -0.10 -6.08
CA ASN C 61 4.41 -0.41 -6.25
C ASN C 61 4.56 -1.93 -6.35
N ALA C 62 5.61 -2.39 -7.00
CA ALA C 62 5.85 -3.83 -7.15
C ALA C 62 6.14 -4.54 -5.82
N THR C 63 6.91 -3.87 -4.96
CA THR C 63 7.30 -4.39 -3.66
C THR C 63 6.28 -4.14 -2.55
N SER C 64 5.34 -3.23 -2.79
CA SER C 64 4.35 -2.88 -1.79
C SER C 64 2.96 -3.46 -1.96
N LEU C 65 2.81 -4.48 -2.80
CA LEU C 65 1.49 -5.06 -3.02
C LEU C 65 0.93 -5.79 -1.79
N MET C 66 1.81 -6.42 -1.03
CA MET C 66 1.35 -7.15 0.15
C MET C 66 0.79 -6.26 1.25
N GLU C 67 0.99 -4.95 1.16
CA GLU C 67 0.47 -4.08 2.19
C GLU C 67 -0.90 -3.51 1.91
N ARG C 68 -1.57 -4.01 0.88
CA ARG C 68 -2.91 -3.53 0.58
C ARG C 68 -3.83 -4.41 1.41
N LEU C 69 -3.27 -5.51 1.91
CA LEU C 69 -4.03 -6.47 2.70
C LEU C 69 -4.30 -6.04 4.14
N ARG C 70 -3.73 -4.91 4.58
CA ARG C 70 -3.96 -4.44 5.93
C ARG C 70 -3.73 -2.94 6.05
N PHE C 71 -4.48 -2.29 6.93
CA PHE C 71 -4.32 -0.85 7.11
C PHE C 71 -3.90 -0.51 8.55
N PRO C 72 -3.10 0.56 8.70
CA PRO C 72 -2.56 1.05 9.98
C PRO C 72 -3.50 1.76 10.92
N VAL C 73 -3.11 1.70 12.19
CA VAL C 73 -3.81 2.35 13.29
C VAL C 73 -2.68 2.72 14.26
N SER C 74 -2.74 3.89 14.87
CA SER C 74 -1.67 4.30 15.78
C SER C 74 -2.10 5.40 16.75
N ALA C 75 -1.22 5.70 17.71
CA ALA C 75 -1.50 6.73 18.70
C ALA C 75 -1.80 8.06 18.02
N GLN C 76 -2.92 8.67 18.39
CA GLN C 76 -3.35 9.94 17.80
C GLN C 76 -3.31 11.11 18.78
N ALA C 77 -4.10 12.15 18.46
CA ALA C 77 -4.21 13.36 19.26
C ALA C 77 -5.53 13.44 20.05
N GLY C 78 -6.36 12.39 19.93
CA GLY C 78 -7.62 12.33 20.66
C GLY C 78 -8.80 13.19 20.25
N LYS C 79 -8.99 13.38 18.96
CA LYS C 79 -10.10 14.20 18.48
C LYS C 79 -10.99 13.40 17.54
N GLY C 80 -11.13 12.10 17.81
CA GLY C 80 -11.96 11.25 16.97
C GLY C 80 -11.53 11.30 15.51
N GLU C 81 -10.24 11.10 15.27
CA GLU C 81 -9.68 11.13 13.93
C GLU C 81 -10.21 10.01 13.04
N LEU C 82 -10.23 10.27 11.74
CA LEU C 82 -10.69 9.29 10.77
C LEU C 82 -9.55 8.31 10.51
N CYS C 83 -9.89 7.03 10.41
CA CYS C 83 -8.88 6.00 10.16
C CYS C 83 -8.88 5.55 8.71
N ALA C 84 -10.02 5.02 8.25
CA ALA C 84 -10.15 4.54 6.88
C ALA C 84 -11.60 4.66 6.41
N VAL C 85 -11.77 4.60 5.09
CA VAL C 85 -13.08 4.73 4.47
C VAL C 85 -13.18 3.88 3.21
N PHE C 86 -14.37 3.40 2.91
CA PHE C 86 -14.57 2.61 1.70
C PHE C 86 -16.04 2.36 1.42
N ARG C 87 -16.41 2.18 0.14
CA ARG C 87 -17.79 1.92 -0.23
C ARG C 87 -18.14 0.49 0.14
N ALA C 88 -19.39 0.27 0.53
CA ALA C 88 -19.82 -1.07 0.91
C ALA C 88 -20.24 -1.89 -0.29
N ASP C 89 -20.26 -1.29 -1.47
CA ASP C 89 -20.66 -1.96 -2.71
C ASP C 89 -19.76 -3.14 -3.08
N PRO C 90 -20.30 -4.37 -3.04
CA PRO C 90 -19.63 -5.64 -3.34
C PRO C 90 -19.13 -5.83 -4.77
N GLY C 91 -19.98 -5.55 -5.76
CA GLY C 91 -19.59 -5.73 -7.14
C GLY C 91 -19.10 -4.48 -7.83
N ARG C 92 -18.50 -3.58 -7.06
CA ARG C 92 -17.99 -2.32 -7.59
C ARG C 92 -16.47 -2.27 -7.49
N ASP C 93 -15.84 -1.55 -8.41
CA ASP C 93 -14.38 -1.42 -8.40
C ASP C 93 -13.98 -0.80 -7.07
N GLY C 94 -12.99 -1.44 -6.41
CA GLY C 94 -12.53 -0.94 -5.14
C GLY C 94 -11.99 -2.05 -4.28
N PRO C 95 -12.10 -1.91 -2.94
CA PRO C 95 -11.62 -2.90 -1.96
C PRO C 95 -12.22 -4.30 -2.09
N TRP C 96 -13.52 -4.37 -2.35
CA TRP C 96 -14.19 -5.67 -2.47
C TRP C 96 -13.72 -6.55 -3.61
N GLN C 97 -12.97 -6.00 -4.54
CA GLN C 97 -12.48 -6.77 -5.67
C GLN C 97 -11.48 -7.85 -5.28
N SER C 98 -10.90 -7.72 -4.09
CA SER C 98 -9.93 -8.68 -3.61
C SER C 98 -10.58 -9.87 -2.93
N THR C 99 -11.88 -9.77 -2.67
CA THR C 99 -12.62 -10.83 -1.98
C THR C 99 -13.28 -11.83 -2.92
N MET C 100 -13.50 -13.03 -2.43
CA MET C 100 -14.13 -14.10 -3.19
C MET C 100 -15.57 -13.69 -3.51
N LEU C 101 -16.20 -13.00 -2.55
CA LEU C 101 -17.56 -12.55 -2.73
C LEU C 101 -17.62 -11.58 -3.90
N GLY C 102 -16.70 -10.62 -3.90
CA GLY C 102 -16.66 -9.63 -4.97
C GLY C 102 -16.41 -10.28 -6.31
N GLN C 103 -15.61 -11.33 -6.32
CA GLN C 103 -15.30 -12.03 -7.55
C GLN C 103 -16.48 -12.84 -8.08
N LEU C 104 -17.20 -13.49 -7.20
CA LEU C 104 -18.36 -14.29 -7.61
C LEU C 104 -19.50 -13.36 -8.05
N CYS C 105 -19.58 -12.20 -7.43
CA CYS C 105 -20.59 -11.21 -7.79
C CYS C 105 -20.41 -10.84 -9.26
N GLY C 106 -19.16 -10.67 -9.68
CA GLY C 106 -18.87 -10.31 -11.05
C GLY C 106 -19.56 -11.20 -12.06
N TYR C 107 -19.92 -12.41 -11.65
CA TYR C 107 -20.60 -13.35 -12.53
C TYR C 107 -22.12 -13.26 -12.50
N TYR C 108 -22.66 -12.37 -11.68
CA TYR C 108 -24.10 -12.18 -11.57
C TYR C 108 -24.48 -10.72 -11.68
N THR C 109 -25.57 -10.45 -12.38
CA THR C 109 -26.02 -9.08 -12.57
C THR C 109 -26.60 -8.45 -11.32
N GLN C 110 -27.32 -9.23 -10.52
CA GLN C 110 -27.96 -8.73 -9.31
C GLN C 110 -27.70 -9.55 -8.07
N TRP C 111 -27.74 -8.88 -6.92
CA TRP C 111 -27.55 -9.52 -5.63
C TRP C 111 -28.48 -8.91 -4.61
N SER C 112 -28.65 -9.59 -3.48
CA SER C 112 -29.51 -9.14 -2.41
C SER C 112 -29.06 -9.77 -1.11
N GLY C 113 -29.18 -9.04 -0.01
CA GLY C 113 -28.79 -9.61 1.27
C GLY C 113 -27.83 -8.77 2.08
N SER C 114 -27.66 -9.14 3.34
CA SER C 114 -26.78 -8.42 4.23
C SER C 114 -25.35 -8.87 4.02
N LEU C 115 -24.40 -7.98 4.29
CA LEU C 115 -23.00 -8.30 4.13
C LEU C 115 -22.39 -8.14 5.50
N GLU C 116 -21.19 -8.66 5.68
CA GLU C 116 -20.52 -8.54 6.96
C GLU C 116 -19.02 -8.35 6.75
N VAL C 117 -18.41 -7.53 7.61
CA VAL C 117 -16.98 -7.28 7.52
C VAL C 117 -16.41 -7.46 8.91
N THR C 118 -15.45 -8.38 9.03
CA THR C 118 -14.81 -8.65 10.30
C THR C 118 -13.42 -8.01 10.31
N PHE C 119 -13.15 -7.23 11.34
CA PHE C 119 -11.87 -6.55 11.48
C PHE C 119 -11.04 -7.22 12.56
N MET C 120 -9.83 -7.66 12.20
CA MET C 120 -8.95 -8.30 13.15
C MET C 120 -7.77 -7.38 13.49
N PHE C 121 -7.60 -7.09 14.77
CA PHE C 121 -6.52 -6.22 15.23
C PHE C 121 -5.27 -7.07 15.43
N THR C 122 -4.18 -6.71 14.75
CA THR C 122 -2.94 -7.47 14.87
C THR C 122 -1.85 -6.71 15.60
N GLY C 123 -2.24 -5.88 16.56
CA GLY C 123 -1.26 -5.13 17.33
C GLY C 123 -0.70 -6.06 18.38
N SER C 124 -0.06 -5.50 19.41
CA SER C 124 0.50 -6.33 20.48
C SER C 124 -0.51 -6.52 21.60
N PHE C 125 -0.24 -7.47 22.49
CA PHE C 125 -1.14 -7.74 23.60
C PHE C 125 -1.32 -6.53 24.52
N MET C 126 -0.27 -5.71 24.63
CA MET C 126 -0.30 -4.54 25.51
C MET C 126 -1.04 -3.34 24.91
N ALA C 127 -1.32 -3.39 23.61
CA ALA C 127 -2.02 -2.30 22.94
C ALA C 127 -3.53 -2.33 23.21
N THR C 128 -4.10 -1.17 23.52
CA THR C 128 -5.52 -1.06 23.79
C THR C 128 -6.13 -0.03 22.85
N GLY C 129 -7.44 0.05 22.82
CA GLY C 129 -8.09 1.02 21.97
C GLY C 129 -9.53 0.70 21.65
N LYS C 130 -10.29 1.72 21.25
CA LYS C 130 -11.68 1.56 20.89
C LYS C 130 -11.90 2.30 19.57
N MET C 131 -12.52 1.62 18.62
CA MET C 131 -12.79 2.22 17.32
C MET C 131 -14.29 2.27 17.12
N LEU C 132 -14.74 3.08 16.17
CA LEU C 132 -16.15 3.18 15.85
C LEU C 132 -16.28 2.92 14.36
N ILE C 133 -16.80 1.75 13.99
CA ILE C 133 -17.00 1.40 12.58
C ILE C 133 -18.43 1.79 12.27
N ALA C 134 -18.62 2.66 11.27
CA ALA C 134 -19.97 3.08 10.94
C ALA C 134 -20.34 2.79 9.50
N TYR C 135 -21.62 2.46 9.30
CA TYR C 135 -22.16 2.18 7.98
C TYR C 135 -23.21 3.23 7.67
N THR C 136 -22.98 4.00 6.61
CA THR C 136 -23.91 5.06 6.22
C THR C 136 -24.76 4.67 5.02
N PRO C 137 -26.06 4.41 5.24
CA PRO C 137 -26.96 4.03 4.16
C PRO C 137 -26.94 5.05 3.02
N PRO C 138 -27.51 4.69 1.86
CA PRO C 138 -27.55 5.57 0.69
C PRO C 138 -28.02 7.00 0.94
N GLY C 139 -27.50 7.93 0.16
CA GLY C 139 -27.88 9.31 0.30
C GLY C 139 -26.98 10.07 1.25
N GLY C 140 -26.49 9.38 2.27
CA GLY C 140 -25.61 10.03 3.23
C GLY C 140 -24.23 10.25 2.68
N PRO C 141 -23.81 11.52 2.49
CA PRO C 141 -22.47 11.79 1.96
C PRO C 141 -21.43 11.31 2.97
N LEU C 142 -20.20 11.12 2.50
CA LEU C 142 -19.12 10.66 3.37
C LEU C 142 -19.08 11.53 4.62
N PRO C 143 -19.44 10.96 5.79
CA PRO C 143 -19.44 11.73 7.04
C PRO C 143 -18.14 12.49 7.26
N LYS C 144 -18.28 13.81 7.48
CA LYS C 144 -17.14 14.69 7.69
C LYS C 144 -16.41 14.46 9.01
N ASP C 145 -17.15 14.03 10.03
CA ASP C 145 -16.58 13.76 11.35
C ASP C 145 -17.27 12.60 12.03
N ARG C 146 -16.73 12.15 13.17
CA ARG C 146 -17.31 11.03 13.90
C ARG C 146 -18.71 11.30 14.38
N ALA C 147 -18.96 12.54 14.79
CA ALA C 147 -20.27 12.94 15.30
C ALA C 147 -21.36 12.79 14.24
N THR C 148 -20.95 12.72 12.97
CA THR C 148 -21.90 12.57 11.88
C THR C 148 -22.01 11.10 11.49
N ALA C 149 -20.88 10.41 11.53
CA ALA C 149 -20.84 9.00 11.19
C ALA C 149 -21.62 8.15 12.18
N MET C 150 -21.57 8.54 13.45
CA MET C 150 -22.25 7.78 14.49
C MET C 150 -23.77 7.82 14.40
N LEU C 151 -24.30 8.65 13.51
CA LEU C 151 -25.75 8.75 13.34
C LEU C 151 -26.33 7.61 12.51
N GLY C 152 -25.46 6.81 11.91
CA GLY C 152 -25.90 5.70 11.10
C GLY C 152 -25.66 4.39 11.82
N THR C 153 -25.78 3.27 11.11
CA THR C 153 -25.55 1.97 11.71
C THR C 153 -24.09 1.87 12.10
N HIS C 154 -23.81 1.50 13.34
CA HIS C 154 -22.41 1.39 13.75
C HIS C 154 -22.18 0.44 14.91
N VAL C 155 -20.91 0.26 15.24
CA VAL C 155 -20.50 -0.62 16.32
C VAL C 155 -19.19 -0.09 16.93
N ILE C 156 -19.18 0.06 18.25
CA ILE C 156 -17.97 0.51 18.95
C ILE C 156 -17.17 -0.76 19.27
N TRP C 157 -15.97 -0.83 18.72
CA TRP C 157 -15.09 -1.99 18.90
C TRP C 157 -14.03 -1.78 19.97
N ASP C 158 -13.97 -2.70 20.94
CA ASP C 158 -13.00 -2.61 22.02
C ASP C 158 -11.95 -3.71 21.84
N PHE C 159 -10.67 -3.33 21.70
CA PHE C 159 -9.60 -4.30 21.54
C PHE C 159 -9.43 -5.10 22.84
N GLY C 160 -9.27 -6.41 22.71
CA GLY C 160 -9.09 -7.25 23.88
C GLY C 160 -8.74 -8.67 23.49
N LEU C 161 -8.95 -9.61 24.40
CA LEU C 161 -8.66 -11.02 24.12
C LEU C 161 -9.26 -11.45 22.78
N GLN C 162 -10.50 -11.05 22.54
CA GLN C 162 -11.17 -11.37 21.28
C GLN C 162 -10.64 -10.33 20.31
N SER C 163 -9.70 -10.75 19.47
CA SER C 163 -9.06 -9.86 18.51
C SER C 163 -9.94 -9.19 17.47
N SER C 164 -11.00 -9.85 17.04
CA SER C 164 -11.87 -9.31 16.01
C SER C 164 -13.25 -8.83 16.42
N VAL C 165 -13.89 -8.08 15.53
CA VAL C 165 -15.22 -7.56 15.74
C VAL C 165 -15.89 -7.61 14.37
N THR C 166 -17.20 -7.81 14.34
CA THR C 166 -17.91 -7.89 13.07
C THR C 166 -18.89 -6.76 12.85
N LEU C 167 -18.71 -6.05 11.75
CA LEU C 167 -19.63 -4.97 11.40
C LEU C 167 -20.60 -5.61 10.43
N VAL C 168 -21.88 -5.64 10.77
CA VAL C 168 -22.84 -6.21 9.85
C VAL C 168 -23.44 -5.06 9.06
N ILE C 169 -23.35 -5.17 7.73
CA ILE C 169 -23.91 -4.16 6.83
C ILE C 169 -25.27 -4.71 6.46
N PRO C 170 -26.29 -4.42 7.27
CA PRO C 170 -27.64 -4.90 7.03
C PRO C 170 -28.17 -4.51 5.66
N TRP C 171 -29.01 -5.38 5.11
CA TRP C 171 -29.60 -5.13 3.81
C TRP C 171 -30.64 -4.02 3.96
N ILE C 172 -30.23 -2.81 3.61
CA ILE C 172 -31.13 -1.67 3.68
C ILE C 172 -31.23 -1.11 2.27
N SER C 173 -32.21 -1.59 1.52
CA SER C 173 -32.39 -1.18 0.13
C SER C 173 -33.84 -0.84 -0.15
N ASN C 174 -34.06 -0.11 -1.24
CA ASN C 174 -35.42 0.25 -1.63
C ASN C 174 -35.95 -0.86 -2.54
N THR C 175 -35.05 -1.41 -3.35
CA THR C 175 -35.38 -2.51 -4.27
C THR C 175 -35.05 -3.86 -3.65
N HIS C 176 -35.70 -4.92 -4.11
CA HIS C 176 -35.44 -6.26 -3.60
C HIS C 176 -34.06 -6.75 -3.96
N TYR C 177 -33.57 -6.31 -5.12
CA TYR C 177 -32.25 -6.68 -5.59
C TYR C 177 -31.50 -5.43 -6.04
N ARG C 178 -30.17 -5.53 -6.07
CA ARG C 178 -29.31 -4.44 -6.50
C ARG C 178 -28.48 -4.92 -7.66
N ALA C 179 -28.36 -4.11 -8.71
CA ALA C 179 -27.52 -4.48 -9.83
C ALA C 179 -26.19 -3.87 -9.42
N HIS C 180 -25.11 -4.21 -10.10
CA HIS C 180 -23.82 -3.66 -9.72
C HIS C 180 -23.78 -2.14 -9.85
N ALA C 181 -23.30 -1.47 -8.81
CA ALA C 181 -23.21 -0.02 -8.79
C ALA C 181 -21.93 0.46 -9.46
N ARG C 182 -22.05 1.48 -10.30
CA ARG C 182 -20.94 2.08 -11.01
C ARG C 182 -21.13 3.57 -10.87
N ASP C 183 -20.17 4.36 -11.35
CA ASP C 183 -20.31 5.81 -11.29
C ASP C 183 -21.41 6.24 -12.25
N GLY C 184 -22.10 7.33 -11.92
CA GLY C 184 -23.17 7.78 -12.78
C GLY C 184 -24.54 7.29 -12.39
N VAL C 185 -25.35 6.97 -13.37
CA VAL C 185 -26.72 6.51 -13.14
C VAL C 185 -26.87 5.27 -12.26
N PHE C 186 -26.00 4.27 -12.45
CA PHE C 186 -26.10 3.06 -11.64
C PHE C 186 -25.64 3.23 -10.21
N ASP C 187 -25.36 4.47 -9.81
CA ASP C 187 -24.94 4.74 -8.44
C ASP C 187 -26.24 4.70 -7.62
N TYR C 188 -27.33 4.40 -8.33
CA TYR C 188 -28.66 4.29 -7.75
C TYR C 188 -28.68 3.07 -6.84
N TYR C 189 -27.86 2.09 -7.19
CA TYR C 189 -27.76 0.84 -6.44
C TYR C 189 -26.62 0.82 -5.42
N THR C 190 -26.12 1.99 -5.05
CA THR C 190 -25.04 2.03 -4.08
C THR C 190 -25.57 1.50 -2.75
N THR C 191 -24.69 0.83 -2.00
CA THR C 191 -25.04 0.26 -0.70
C THR C 191 -24.82 1.26 0.41
N GLY C 192 -23.81 2.11 0.25
CA GLY C 192 -23.52 3.09 1.26
C GLY C 192 -22.01 3.21 1.48
N LEU C 193 -21.62 3.69 2.66
CA LEU C 193 -20.21 3.88 2.97
C LEU C 193 -19.85 3.35 4.35
N VAL C 194 -18.63 2.85 4.49
CA VAL C 194 -18.14 2.35 5.76
C VAL C 194 -16.97 3.26 6.15
N SER C 195 -16.86 3.59 7.43
CA SER C 195 -15.78 4.45 7.89
C SER C 195 -15.37 4.10 9.31
N ILE C 196 -14.06 3.95 9.53
CA ILE C 196 -13.54 3.61 10.85
C ILE C 196 -13.00 4.89 11.51
N TRP C 197 -13.44 5.15 12.74
CA TRP C 197 -12.99 6.32 13.50
C TRP C 197 -12.42 5.89 14.84
N TYR C 198 -11.65 6.76 15.46
CA TYR C 198 -11.08 6.43 16.77
C TYR C 198 -12.13 6.83 17.81
N GLN C 199 -12.65 5.86 18.55
CA GLN C 199 -13.63 6.17 19.57
C GLN C 199 -12.88 6.88 20.68
N THR C 200 -11.77 6.30 21.10
CA THR C 200 -10.93 6.91 22.13
C THR C 200 -9.55 7.12 21.53
N ASN C 201 -8.68 6.12 21.66
CA ASN C 201 -7.32 6.23 21.13
C ASN C 201 -6.55 4.92 21.27
N TYR C 202 -5.53 4.76 20.44
CA TYR C 202 -4.66 3.60 20.45
C TYR C 202 -3.63 3.88 21.55
N VAL C 203 -3.76 3.20 22.68
CA VAL C 203 -2.85 3.41 23.81
C VAL C 203 -1.88 2.25 23.96
N VAL C 204 -0.64 2.56 24.31
CA VAL C 204 0.38 1.53 24.45
C VAL C 204 1.44 1.96 25.48
N PRO C 205 2.12 0.99 26.15
CA PRO C 205 3.15 1.28 27.15
C PRO C 205 4.49 1.55 26.48
N ILE C 206 5.53 1.75 27.29
CA ILE C 206 6.85 1.97 26.72
C ILE C 206 7.35 0.58 26.36
N GLY C 207 7.98 0.44 25.20
CA GLY C 207 8.49 -0.86 24.80
C GLY C 207 7.64 -1.57 23.76
N ALA C 208 6.46 -1.05 23.50
CA ALA C 208 5.56 -1.64 22.53
C ALA C 208 5.43 -0.71 21.33
N PRO C 209 5.34 -1.28 20.11
CA PRO C 209 5.21 -0.55 18.84
C PRO C 209 4.11 0.52 18.83
N ASN C 210 4.41 1.67 18.24
CA ASN C 210 3.44 2.77 18.18
C ASN C 210 2.49 2.66 17.01
N THR C 211 2.70 1.66 16.15
CA THR C 211 1.86 1.44 14.99
C THR C 211 1.53 -0.05 14.84
N ALA C 212 0.24 -0.35 14.69
CA ALA C 212 -0.22 -1.72 14.53
C ALA C 212 -1.14 -1.74 13.32
N TYR C 213 -1.46 -2.93 12.81
CA TYR C 213 -2.33 -3.01 11.64
C TYR C 213 -3.61 -3.78 11.89
N ILE C 214 -4.61 -3.51 11.05
CA ILE C 214 -5.89 -4.17 11.13
C ILE C 214 -6.13 -4.88 9.81
N ILE C 215 -6.67 -6.08 9.86
CA ILE C 215 -6.96 -6.84 8.64
C ILE C 215 -8.45 -7.01 8.54
N ALA C 216 -9.03 -6.58 7.42
CA ALA C 216 -10.47 -6.71 7.23
C ALA C 216 -10.79 -7.92 6.37
N LEU C 217 -11.75 -8.72 6.83
CA LEU C 217 -12.18 -9.91 6.11
C LEU C 217 -13.67 -9.73 5.82
N ALA C 218 -14.08 -9.95 4.58
CA ALA C 218 -15.48 -9.75 4.23
C ALA C 218 -16.16 -10.94 3.57
N ALA C 219 -17.47 -11.04 3.79
CA ALA C 219 -18.28 -12.11 3.24
C ALA C 219 -19.74 -11.71 3.28
N ALA C 220 -20.62 -12.65 2.91
CA ALA C 220 -22.06 -12.39 2.89
C ALA C 220 -22.77 -13.12 4.04
N GLN C 221 -24.00 -12.72 4.31
CA GLN C 221 -24.79 -13.33 5.36
C GLN C 221 -25.63 -14.47 4.78
N LYS C 222 -26.40 -15.13 5.63
CA LYS C 222 -27.23 -16.25 5.21
C LYS C 222 -28.39 -15.84 4.29
N ASN C 223 -28.74 -14.57 4.28
CA ASN C 223 -29.85 -14.11 3.45
C ASN C 223 -29.39 -13.55 2.10
N PHE C 224 -28.11 -13.72 1.81
CA PHE C 224 -27.52 -13.24 0.56
C PHE C 224 -27.89 -14.17 -0.60
N THR C 225 -28.25 -13.56 -1.72
CA THR C 225 -28.66 -14.27 -2.93
C THR C 225 -28.21 -13.50 -4.17
N MET C 226 -27.99 -14.20 -5.27
CA MET C 226 -27.59 -13.56 -6.52
C MET C 226 -28.41 -14.12 -7.68
N LYS C 227 -28.61 -13.33 -8.72
CA LYS C 227 -29.37 -13.80 -9.86
C LYS C 227 -28.95 -13.16 -11.19
N LEU C 228 -29.30 -13.83 -12.29
CA LEU C 228 -28.99 -13.38 -13.65
C LEU C 228 -27.51 -13.42 -13.99
N CYS C 229 -27.04 -14.61 -14.38
CA CYS C 229 -25.64 -14.83 -14.75
C CYS C 229 -25.18 -13.98 -15.92
N LYS C 230 -23.93 -13.52 -15.84
CA LYS C 230 -23.31 -12.72 -16.88
C LYS C 230 -21.82 -12.97 -16.77
N ASP C 231 -21.02 -12.39 -17.66
CA ASP C 231 -19.57 -12.58 -17.60
C ASP C 231 -18.92 -11.50 -16.75
N THR C 232 -17.81 -11.83 -16.07
CA THR C 232 -17.13 -10.84 -15.24
C THR C 232 -16.69 -9.70 -16.13
N SER C 233 -16.57 -8.51 -15.54
CA SER C 233 -16.16 -7.34 -16.28
C SER C 233 -14.78 -7.47 -16.93
N HIS C 234 -13.92 -8.31 -16.37
CA HIS C 234 -12.57 -8.48 -16.90
C HIS C 234 -12.25 -9.84 -17.49
N ILE C 235 -11.45 -9.84 -18.55
CA ILE C 235 -11.02 -11.06 -19.21
C ILE C 235 -9.49 -11.10 -19.14
N LEU C 236 -8.97 -12.02 -18.32
CA LEU C 236 -7.53 -12.15 -18.11
C LEU C 236 -6.78 -12.76 -19.28
N GLN C 237 -6.66 -11.99 -20.34
CA GLN C 237 -5.99 -12.42 -21.57
C GLN C 237 -5.84 -11.18 -22.44
N THR C 238 -4.72 -11.07 -23.15
CA THR C 238 -4.49 -9.93 -24.04
C THR C 238 -4.36 -10.45 -25.46
N ALA C 239 -3.45 -11.40 -25.65
CA ALA C 239 -3.24 -12.01 -26.96
C ALA C 239 -3.66 -13.46 -26.80
N SER C 240 -3.55 -14.24 -27.87
CA SER C 240 -3.92 -15.65 -27.78
C SER C 240 -3.05 -16.31 -26.72
N ILE C 241 -3.63 -17.27 -26.00
CA ILE C 241 -2.90 -18.01 -24.97
C ILE C 241 -2.22 -19.15 -25.69
N GLN C 242 -0.89 -19.21 -25.57
CA GLN C 242 -0.10 -20.25 -26.24
C GLN C 242 0.05 -21.58 -25.48
N UNK D 1 -13.38 27.17 9.02
CA UNK D 1 -12.02 27.09 9.55
C UNK D 1 -12.10 27.82 10.86
N UNK D 2 -11.41 27.41 11.95
CA UNK D 2 -11.49 28.25 13.16
C UNK D 2 -10.31 29.24 13.00
N UNK D 3 -10.45 30.49 13.33
CA UNK D 3 -9.36 31.43 13.19
C UNK D 3 -8.83 31.89 14.59
N UNK D 4 -7.51 31.91 14.86
CA UNK D 4 -7.02 32.33 16.16
C UNK D 4 -6.38 33.68 15.91
N UNK D 5 -6.59 34.54 16.91
CA UNK D 5 -6.16 35.91 16.91
C UNK D 5 -5.35 36.25 18.16
N UNK D 6 -4.02 36.26 18.08
CA UNK D 6 -3.23 36.57 19.26
C UNK D 6 -3.07 38.05 19.54
N UNK D 7 -3.08 38.54 20.79
CA UNK D 7 -2.88 39.94 21.17
C UNK D 7 -1.83 39.91 22.26
N UNK D 8 -0.90 40.88 22.50
CA UNK D 8 -0.36 41.81 21.53
C UNK D 8 0.39 41.09 20.40
N UNK D 9 0.93 41.73 19.34
CA UNK D 9 1.84 40.99 18.44
C UNK D 9 3.33 41.15 18.72
N UNK D 10 3.71 42.02 19.60
CA UNK D 10 5.06 42.20 20.06
C UNK D 10 4.85 42.97 21.36
N UNK D 11 5.56 42.57 22.39
CA UNK D 11 5.47 43.25 23.67
C UNK D 11 6.88 43.28 24.13
N UNK D 12 7.18 44.33 24.89
CA UNK D 12 8.52 44.57 25.41
C UNK D 12 8.23 44.43 26.86
N UNK D 13 9.09 43.77 27.60
CA UNK D 13 8.84 43.57 29.00
C UNK D 13 10.15 43.49 29.75
N UNK D 14 10.10 44.12 30.90
CA UNK D 14 11.25 44.17 31.78
C UNK D 14 11.43 42.80 32.48
N UNK D 15 12.69 42.37 32.77
CA UNK D 15 13.04 41.13 33.47
C UNK D 15 12.45 41.04 34.85
N UNK D 16 12.14 39.81 35.19
CA UNK D 16 11.33 39.56 36.37
C UNK D 16 9.84 40.03 36.33
N UNK D 17 9.31 40.64 35.25
CA UNK D 17 7.94 41.13 35.19
C UNK D 17 6.99 40.06 34.75
N UNK D 18 5.74 40.40 34.47
CA UNK D 18 4.78 39.41 34.02
C UNK D 18 4.31 39.65 32.57
N UNK D 19 4.57 38.74 31.67
CA UNK D 19 4.01 38.87 30.35
C UNK D 19 2.82 37.90 30.17
N UNK D 20 1.66 38.40 29.82
CA UNK D 20 0.45 37.66 29.46
C UNK D 20 0.18 37.74 27.92
N UNK D 21 -0.36 36.70 27.27
CA UNK D 21 -0.54 36.62 25.80
C UNK D 21 -1.90 35.99 25.54
N UNK D 22 -2.93 36.69 25.06
CA UNK D 22 -4.27 36.14 24.83
C UNK D 22 -4.36 35.48 23.43
N UNK D 23 -5.18 34.49 23.13
CA UNK D 23 -5.27 33.87 21.84
C UNK D 23 -6.76 33.57 21.67
N UNK D 24 -7.49 34.27 20.81
CA UNK D 24 -8.92 34.06 20.62
C UNK D 24 -9.23 33.22 19.39
N UNK D 25 -10.05 32.14 19.52
CA UNK D 25 -10.44 31.25 18.44
C UNK D 25 -11.78 31.83 18.04
N UNK D 26 -12.07 31.85 16.74
CA UNK D 26 -13.29 32.39 16.21
C UNK D 26 -14.55 31.56 16.46
N UNK D 27 -14.47 30.41 17.06
CA UNK D 27 -15.56 29.47 17.26
C UNK D 27 -14.95 28.51 18.26
N UNK D 28 -15.71 27.83 19.13
CA UNK D 28 -15.13 26.96 20.20
C UNK D 28 -14.05 26.02 19.70
N UNK D 29 -13.05 25.91 20.56
CA UNK D 29 -12.00 24.97 20.34
C UNK D 29 -12.20 23.79 21.33
N UNK D 30 -13.20 23.74 22.23
CA UNK D 30 -13.35 22.55 23.08
C UNK D 30 -14.17 21.49 22.40
N UNK D 31 -13.70 20.27 22.55
CA UNK D 31 -14.42 19.12 22.09
C UNK D 31 -14.27 18.30 23.31
N UNK D 32 -15.35 17.55 23.41
CA UNK D 32 -15.55 16.60 24.49
C UNK D 32 -15.31 17.37 25.79
N UNK D 33 -14.56 16.92 26.78
CA UNK D 33 -14.32 17.81 27.92
C UNK D 33 -12.89 18.26 27.81
N UNK D 34 -12.49 18.75 26.65
CA UNK D 34 -11.11 19.11 26.39
C UNK D 34 -10.99 20.32 25.50
N UNK D 35 -10.20 21.30 25.90
CA UNK D 35 -9.88 22.41 25.06
C UNK D 35 -8.76 21.87 24.19
N UNK D 36 -8.73 21.93 22.87
CA UNK D 36 -7.59 21.48 22.09
C UNK D 36 -6.87 22.66 21.43
N UNK D 37 -6.25 23.40 22.38
CA UNK D 37 -5.41 24.61 22.32
C UNK D 37 -3.98 24.25 22.85
N UNK D 38 -2.96 24.70 22.14
CA UNK D 38 -1.56 24.36 22.36
C UNK D 38 -0.76 25.65 22.22
N UNK D 39 0.32 25.77 22.99
CA UNK D 39 1.11 26.97 23.01
C UNK D 39 2.52 26.54 22.73
N UNK D 40 3.28 27.27 21.90
CA UNK D 40 4.63 26.98 21.48
C UNK D 40 5.56 28.18 21.66
N UNK D 41 6.83 27.89 21.71
CA UNK D 41 7.82 28.91 21.84
C UNK D 41 8.75 28.82 20.62
N UNK D 42 8.97 29.87 19.84
CA UNK D 42 9.95 29.71 18.76
C UNK D 42 11.14 30.64 18.90
N UNK D 43 12.27 30.03 19.27
CA UNK D 43 13.49 30.82 19.33
C UNK D 43 14.04 30.86 17.92
N UNK D 44 14.59 31.94 17.38
CA UNK D 44 15.26 31.95 16.09
C UNK D 44 16.08 30.72 15.81
N UNK D 45 15.68 30.09 14.70
CA UNK D 45 16.44 28.92 14.25
C UNK D 45 16.12 27.62 15.00
N UNK D 46 15.26 27.66 16.00
CA UNK D 46 14.82 26.44 16.58
C UNK D 46 13.54 26.18 15.83
N UNK D 47 13.29 24.89 15.56
CA UNK D 47 11.95 24.34 15.52
C UNK D 47 11.11 24.92 16.65
N UNK D 48 9.83 25.07 16.56
CA UNK D 48 9.01 25.41 17.68
C UNK D 48 9.13 24.40 18.81
N UNK D 49 8.75 24.82 20.00
CA UNK D 49 8.93 23.98 21.15
C UNK D 49 7.58 23.95 21.76
N UNK D 50 7.03 22.72 21.95
CA UNK D 50 5.78 22.66 22.66
C UNK D 50 6.07 23.11 24.11
N UNK D 51 5.14 23.92 24.63
CA UNK D 51 5.19 24.42 25.98
C UNK D 51 3.95 23.92 26.69
N UNK D 52 2.77 24.48 26.38
CA UNK D 52 1.56 24.06 27.04
C UNK D 52 0.73 23.22 26.09
N UNK D 53 -0.03 22.22 26.54
CA UNK D 53 -0.76 21.42 25.63
C UNK D 53 -2.20 21.06 25.82
N UNK D 54 -3.03 21.51 26.73
CA UNK D 54 -4.46 21.43 26.38
C UNK D 54 -4.81 22.62 27.18
N UNK D 55 -4.40 23.77 26.76
CA UNK D 55 -4.69 25.01 27.44
C UNK D 55 -4.07 25.20 28.77
N UNK D 56 -3.94 24.22 29.65
CA UNK D 56 -3.30 24.40 30.94
C UNK D 56 -2.06 23.57 31.35
N UNK D 57 -1.99 22.34 30.83
CA UNK D 57 -0.93 21.44 31.26
C UNK D 57 0.38 21.50 30.47
N UNK D 58 1.50 21.61 31.20
CA UNK D 58 2.86 21.82 30.71
C UNK D 58 3.46 20.53 30.25
N UNK D 59 4.37 20.76 29.35
CA UNK D 59 5.06 19.68 28.78
C UNK D 59 6.31 19.40 29.54
N UNK D 60 6.68 18.15 29.48
CA UNK D 60 7.92 17.53 29.95
C UNK D 60 8.58 17.97 31.21
N UNK D 61 9.07 19.19 31.10
CA UNK D 61 9.86 19.90 32.05
C UNK D 61 10.30 21.03 31.14
N UNK D 62 9.42 22.04 31.23
CA UNK D 62 9.66 23.41 30.79
C UNK D 62 9.21 24.08 32.10
N UNK D 63 9.76 25.26 32.46
CA UNK D 63 9.78 25.83 33.81
C UNK D 63 8.42 26.07 34.29
N UNK D 64 8.06 25.91 35.55
CA UNK D 64 6.68 26.24 35.97
C UNK D 64 6.35 27.77 35.99
N UNK D 65 7.24 28.63 35.47
CA UNK D 65 7.00 30.06 35.40
C UNK D 65 5.90 30.36 34.39
N UNK D 66 5.80 29.29 33.55
CA UNK D 66 4.87 29.09 32.50
C UNK D 66 3.55 28.43 32.85
N UNK D 67 2.42 29.12 32.57
CA UNK D 67 1.13 28.56 32.75
C UNK D 67 0.14 29.04 31.68
N UNK D 68 -0.99 28.27 31.50
CA UNK D 68 -2.08 28.56 30.62
C UNK D 68 -3.47 28.24 31.21
N UNK D 69 -4.46 28.97 30.78
CA UNK D 69 -5.84 28.79 31.17
C UNK D 69 -6.70 29.19 29.96
N UNK D 70 -7.93 28.73 29.96
CA UNK D 70 -8.82 29.17 28.96
C UNK D 70 -9.71 28.04 28.56
N UNK D 71 -10.96 28.42 28.30
CA UNK D 71 -12.02 27.53 27.87
C UNK D 71 -12.62 28.14 26.59
N UNK D 72 -13.18 27.28 25.75
CA UNK D 72 -13.79 27.69 24.53
C UNK D 72 -12.90 28.43 23.54
N UNK D 73 -12.86 29.76 23.73
CA UNK D 73 -12.37 30.79 22.80
C UNK D 73 -11.31 31.66 23.41
N UNK D 74 -11.38 31.89 24.71
CA UNK D 74 -10.45 32.83 25.32
C UNK D 74 -9.38 32.11 26.12
N UNK D 75 -8.09 32.16 25.68
CA UNK D 75 -6.95 31.45 26.20
C UNK D 75 -5.88 32.45 26.44
N UNK D 76 -4.88 32.27 27.33
CA UNK D 76 -3.81 33.24 27.74
C UNK D 76 -2.52 32.49 28.08
N UNK D 77 -1.33 32.88 27.67
CA UNK D 77 -0.12 32.34 28.29
C UNK D 77 0.22 33.44 29.33
N UNK D 78 0.82 33.01 30.45
CA UNK D 78 1.27 33.90 31.51
C UNK D 78 2.70 33.48 31.70
N UNK D 79 3.73 34.33 31.69
CA UNK D 79 5.12 33.99 31.98
C UNK D 79 5.24 34.93 33.16
N UNK D 80 5.56 34.45 34.37
CA UNK D 80 5.68 35.33 35.55
C UNK D 80 6.65 34.80 36.57
N UNK D 81 7.97 35.01 36.54
CA UNK D 81 8.59 36.21 36.03
C UNK D 81 9.34 36.01 34.74
N UNK D 82 9.34 36.97 33.85
CA UNK D 82 10.10 36.93 32.59
C UNK D 82 11.62 36.89 32.85
N UNK D 83 12.36 35.94 32.35
CA UNK D 83 13.81 35.95 32.40
C UNK D 83 14.31 36.23 30.99
N UNK D 84 15.58 36.49 30.80
CA UNK D 84 16.05 36.79 29.45
C UNK D 84 16.04 35.56 28.53
N UNK D 85 15.91 34.34 29.11
CA UNK D 85 15.87 33.08 28.36
C UNK D 85 14.50 32.75 27.72
N UNK D 86 13.70 33.82 27.56
CA UNK D 86 12.36 33.78 27.08
C UNK D 86 12.06 34.66 25.90
N UNK D 87 13.04 35.35 25.39
CA UNK D 87 12.80 36.23 24.28
C UNK D 87 12.52 35.26 23.17
N UNK D 88 11.44 35.50 22.41
CA UNK D 88 11.03 34.59 21.34
C UNK D 88 9.67 35.00 20.78
N UNK D 89 9.18 34.33 19.76
CA UNK D 89 7.83 34.48 19.26
C UNK D 89 6.99 33.24 19.74
N UNK D 90 5.85 33.58 20.36
CA UNK D 90 5.01 32.59 20.99
C UNK D 90 3.81 32.35 20.11
N UNK D 91 3.31 31.13 19.96
CA UNK D 91 2.20 30.79 19.11
C UNK D 91 1.15 29.98 19.84
N UNK D 92 -0.15 30.17 19.59
CA UNK D 92 -1.14 29.20 20.06
C UNK D 92 -1.62 28.45 18.80
N UNK D 93 -2.17 27.27 18.90
CA UNK D 93 -2.53 26.46 17.77
C UNK D 93 -3.65 25.51 18.20
N UNK D 94 -4.63 25.25 17.35
CA UNK D 94 -5.68 24.31 17.76
C UNK D 94 -5.71 23.02 16.96
N UNK D 95 -6.15 21.99 17.68
CA UNK D 95 -6.17 20.64 17.15
C UNK D 95 -7.52 19.99 17.22
N UNK D 96 -8.50 20.76 17.62
CA UNK D 96 -9.92 20.42 17.62
C UNK D 96 -10.24 20.74 16.20
N UNK D 97 -10.78 19.92 15.32
CA UNK D 97 -11.11 20.33 13.92
C UNK D 97 -10.06 20.60 12.82
N UNK D 98 -10.09 19.77 11.76
CA UNK D 98 -9.20 20.00 10.64
C UNK D 98 -9.70 21.26 9.90
N UNK D 99 -8.94 22.35 9.72
CA UNK D 99 -7.58 22.32 9.28
C UNK D 99 -6.48 22.64 10.25
N UNK D 100 -6.56 22.54 11.59
CA UNK D 100 -5.41 22.76 12.50
C UNK D 100 -4.76 24.12 12.27
N UNK D 101 -5.53 25.08 12.69
CA UNK D 101 -5.12 26.44 12.53
C UNK D 101 -4.08 26.83 13.56
N UNK D 102 -3.41 27.95 13.33
CA UNK D 102 -2.27 28.43 14.11
C UNK D 102 -2.45 29.94 14.25
N UNK D 103 -2.14 30.48 15.43
CA UNK D 103 -2.24 31.89 15.68
C UNK D 103 -1.08 32.61 15.05
N UNK D 104 -1.10 33.93 15.11
CA UNK D 104 -0.07 34.72 14.43
C UNK D 104 1.33 34.80 15.01
N UNK D 105 1.46 34.38 16.28
CA UNK D 105 2.65 34.51 17.07
C UNK D 105 2.63 35.79 17.86
N UNK D 106 3.44 36.02 18.92
CA UNK D 106 3.63 37.36 19.46
C UNK D 106 5.17 37.42 19.72
N UNK D 107 5.96 38.34 19.15
CA UNK D 107 7.39 38.42 19.39
C UNK D 107 7.59 39.15 20.71
N UNK D 108 8.13 38.52 21.73
CA UNK D 108 8.31 39.11 23.04
C UNK D 108 9.73 39.57 22.93
N UNK D 109 10.01 40.79 23.43
CA UNK D 109 11.31 41.39 23.40
C UNK D 109 11.47 42.09 24.72
N UNK D 110 12.72 42.42 25.03
CA UNK D 110 13.08 42.97 26.32
C UNK D 110 13.32 44.44 26.47
N UNK D 111 12.51 44.98 27.33
CA UNK D 111 12.51 46.37 27.60
C UNK D 111 13.76 46.44 28.39
N UNK D 112 14.66 47.24 27.82
CA UNK D 112 15.94 47.57 28.42
C UNK D 112 16.03 49.09 28.45
N UNK D 113 16.24 48.70 29.27
CA UNK D 113 16.28 50.15 29.27
C UNK D 113 16.54 50.77 27.89
N UNK D 114 16.14 52.02 27.57
CA UNK D 114 16.32 52.67 26.24
C UNK D 114 17.81 52.80 25.94
N UNK D 115 18.15 52.59 24.67
CA UNK D 115 19.54 52.64 24.18
C UNK D 115 19.40 53.22 22.77
N UNK D 116 20.14 54.28 22.47
CA UNK D 116 20.07 54.92 21.17
C UNK D 116 21.04 54.32 20.13
N UNK D 117 20.75 54.40 18.82
CA UNK D 117 21.51 53.67 17.83
C UNK D 117 22.92 54.18 17.50
N UNK D 118 23.89 53.32 17.28
CA UNK D 118 25.16 53.73 16.74
C UNK D 118 24.93 53.77 15.21
N UNK D 119 25.33 54.81 14.47
CA UNK D 119 24.95 55.03 13.08
C UNK D 119 26.16 54.97 12.15
N UNK D 120 26.36 54.08 11.17
CA UNK D 120 27.56 54.05 10.32
C UNK D 120 27.09 54.31 8.90
N UNK D 121 27.70 55.12 8.01
CA UNK D 121 27.27 55.11 6.63
C UNK D 121 28.48 54.63 5.83
N UNK D 122 28.23 53.82 4.81
CA UNK D 122 29.23 53.26 3.94
C UNK D 122 28.91 53.71 2.55
N UNK D 123 29.90 54.17 1.77
CA UNK D 123 29.81 54.35 0.33
C UNK D 123 29.55 53.01 -0.41
N UNK D 124 29.39 52.99 -1.74
CA UNK D 124 29.55 51.78 -2.51
C UNK D 124 31.03 51.45 -2.63
N UNK D 125 31.41 50.17 -2.74
CA UNK D 125 32.80 49.83 -3.00
C UNK D 125 33.09 50.18 -4.44
N UNK D 126 34.34 50.45 -4.71
CA UNK D 126 34.75 50.81 -6.05
C UNK D 126 34.37 49.72 -7.06
N UNK D 127 34.45 48.48 -6.62
CA UNK D 127 34.05 47.42 -7.51
C UNK D 127 32.54 47.27 -7.71
N UNK D 128 31.62 47.57 -6.75
CA UNK D 128 30.19 47.49 -7.00
C UNK D 128 29.90 48.49 -8.15
N UNK D 129 30.53 49.69 -8.07
CA UNK D 129 30.46 50.71 -9.09
C UNK D 129 30.96 50.18 -10.40
N UNK D 130 32.14 49.59 -10.41
CA UNK D 130 32.68 49.00 -11.62
C UNK D 130 31.63 48.11 -12.30
N UNK D 131 30.90 47.30 -11.55
CA UNK D 131 29.87 46.44 -12.16
C UNK D 131 28.63 47.28 -12.57
N UNK D 132 28.68 48.63 -12.63
CA UNK D 132 27.55 49.45 -12.98
C UNK D 132 26.60 49.85 -11.83
N UNK D 133 26.79 49.47 -10.54
CA UNK D 133 25.86 49.88 -9.46
C UNK D 133 26.46 50.55 -8.19
N UNK D 134 25.62 50.92 -7.24
CA UNK D 134 26.10 51.55 -6.05
C UNK D 134 25.07 51.29 -4.99
N UNK D 135 25.48 50.79 -3.84
CA UNK D 135 24.58 50.74 -2.72
C UNK D 135 25.29 51.64 -1.72
N UNK D 136 24.50 52.41 -1.01
CA UNK D 136 25.04 53.26 0.01
C UNK D 136 24.37 52.53 1.14
N UNK D 137 25.04 51.94 2.16
CA UNK D 137 24.40 51.19 3.26
C UNK D 137 24.62 51.94 4.52
N UNK D 138 23.62 52.08 5.34
CA UNK D 138 23.78 52.69 6.61
C UNK D 138 23.64 51.57 7.67
N UNK D 139 24.17 51.65 8.90
CA UNK D 139 24.01 50.64 9.95
C UNK D 139 23.51 51.49 11.06
N UNK D 140 22.53 50.96 11.77
CA UNK D 140 21.94 51.63 12.92
C UNK D 140 21.95 50.49 13.90
N UNK D 141 22.87 50.46 14.82
CA UNK D 141 23.09 49.27 15.65
C UNK D 141 22.71 49.49 17.10
N UNK D 142 22.33 48.39 17.76
CA UNK D 142 22.11 48.27 19.17
C UNK D 142 21.28 49.29 19.84
N UNK D 143 19.95 49.28 19.70
CA UNK D 143 19.08 50.33 20.22
C UNK D 143 17.82 49.70 20.85
N UNK D 144 17.00 50.44 21.55
CA UNK D 144 15.83 49.90 22.17
C UNK D 144 14.99 51.14 22.45
N UNK D 145 13.67 51.36 22.16
CA UNK D 145 12.71 50.43 21.55
C UNK D 145 12.94 50.32 20.03
N UNK D 146 12.45 49.18 19.51
CA UNK D 146 12.73 48.84 18.15
C UNK D 146 12.08 49.85 17.25
N UNK D 147 11.13 50.71 17.63
CA UNK D 147 10.62 51.65 16.64
C UNK D 147 11.62 52.80 16.48
N UNK D 148 12.24 52.72 15.32
CA UNK D 148 13.12 53.74 14.81
C UNK D 148 12.58 54.14 13.40
N UNK D 149 12.97 55.32 12.82
CA UNK D 149 12.63 55.77 11.46
C UNK D 149 13.89 56.33 10.75
N UNK D 150 14.45 55.64 9.76
CA UNK D 150 15.61 56.17 9.01
C UNK D 150 15.15 56.84 7.68
N UNK D 151 15.95 57.77 7.11
CA UNK D 151 15.56 58.60 5.97
C UNK D 151 16.74 58.71 5.09
N UNK D 152 16.42 58.84 3.80
CA UNK D 152 17.48 59.16 2.89
C UNK D 152 17.29 60.51 2.24
N UNK D 153 18.47 61.06 2.09
CA UNK D 153 18.76 62.35 1.53
C UNK D 153 19.89 62.05 0.60
N UNK D 154 19.91 62.92 -0.42
CA UNK D 154 20.90 62.97 -1.49
C UNK D 154 20.78 64.40 -2.04
N UNK D 155 21.82 65.13 -1.66
CA UNK D 155 21.97 66.54 -1.94
C UNK D 155 20.86 67.37 -1.29
N UNK D 156 20.39 66.86 -0.14
CA UNK D 156 19.35 67.56 0.61
C UNK D 156 18.02 67.02 0.21
N UNK D 157 17.86 66.63 -1.03
CA UNK D 157 16.61 66.11 -1.54
C UNK D 157 16.43 64.77 -0.89
N UNK D 158 15.22 64.62 -0.38
CA UNK D 158 14.80 63.35 0.21
C UNK D 158 14.78 62.17 -0.81
N UNK D 159 14.76 60.94 -0.30
CA UNK D 159 14.76 59.76 -1.16
C UNK D 159 13.99 58.60 -0.55
N UNK D 160 13.13 58.03 -1.41
CA UNK D 160 12.17 57.02 -1.01
C UNK D 160 12.39 55.73 -1.75
N UNK D 161 12.71 55.81 -3.01
CA UNK D 161 12.80 54.59 -3.79
C UNK D 161 14.19 53.99 -3.72
N UNK D 162 14.07 52.71 -3.38
CA UNK D 162 15.19 51.75 -3.42
C UNK D 162 15.89 51.50 -2.11
N UNK D 163 15.11 51.67 -1.05
CA UNK D 163 15.57 51.59 0.30
C UNK D 163 14.96 50.26 0.80
N UNK D 164 15.94 49.44 1.08
CA UNK D 164 15.76 48.09 1.61
C UNK D 164 16.32 48.05 3.03
N UNK D 165 15.47 47.67 3.97
CA UNK D 165 15.70 47.73 5.40
C UNK D 165 15.56 46.36 5.94
N UNK D 166 16.24 46.04 7.04
CA UNK D 166 16.18 44.72 7.71
C UNK D 166 16.70 44.93 9.12
N UNK D 167 16.09 44.21 10.07
CA UNK D 167 16.28 44.39 11.51
C UNK D 167 16.72 43.07 12.08
N UNK D 168 17.67 43.12 12.99
CA UNK D 168 18.03 41.94 13.76
C UNK D 168 16.98 41.83 14.86
N UNK D 169 16.57 40.60 15.14
CA UNK D 169 15.66 40.29 16.20
C UNK D 169 16.28 40.70 17.53
N UNK D 170 15.63 40.65 18.68
CA UNK D 170 16.25 41.03 19.92
C UNK D 170 17.44 40.13 20.17
N UNK D 171 18.49 40.83 20.66
CA UNK D 171 19.78 40.20 20.91
C UNK D 171 19.79 39.64 22.32
N UNK D 172 20.18 38.39 22.35
CA UNK D 172 20.38 37.79 23.63
C UNK D 172 21.81 38.02 24.09
N UNK D 173 21.77 39.05 24.93
CA UNK D 173 22.89 39.54 25.70
C UNK D 173 22.38 40.85 26.14
N UNK D 174 22.08 41.71 25.17
CA UNK D 174 21.81 43.03 25.64
C UNK D 174 20.56 43.66 25.16
N UNK D 175 19.64 42.76 24.87
CA UNK D 175 18.30 43.08 24.41
C UNK D 175 18.03 44.31 23.54
N UNK D 176 19.02 44.52 22.67
CA UNK D 176 18.95 45.60 21.75
C UNK D 176 18.61 44.96 20.40
N UNK D 177 18.17 45.84 19.50
CA UNK D 177 17.92 45.51 18.11
C UNK D 177 18.96 46.28 17.29
N UNK D 178 19.15 45.95 16.03
CA UNK D 178 20.04 46.66 15.16
C UNK D 178 19.30 46.66 13.83
N UNK D 179 19.82 47.19 12.73
CA UNK D 179 19.20 47.10 11.41
C UNK D 179 20.08 47.71 10.31
N UNK D 180 19.94 47.33 9.04
CA UNK D 180 20.59 48.10 7.97
C UNK D 180 19.57 48.78 7.05
N UNK D 181 20.08 49.78 6.40
CA UNK D 181 19.35 50.64 5.52
C UNK D 181 20.22 50.68 4.24
N UNK D 182 19.67 50.37 3.08
CA UNK D 182 20.45 50.41 1.86
C UNK D 182 19.68 51.15 0.76
N UNK D 183 20.29 52.20 0.23
CA UNK D 183 19.82 52.95 -0.91
C UNK D 183 20.59 52.28 -2.04
N UNK D 184 19.99 51.79 -3.13
CA UNK D 184 20.77 51.21 -4.24
C UNK D 184 20.42 52.15 -5.36
N UNK D 185 21.45 52.57 -6.07
CA UNK D 185 21.33 53.51 -7.20
C UNK D 185 22.09 52.85 -8.28
N UNK D 186 21.99 53.43 -9.43
CA UNK D 186 22.76 52.93 -10.54
C UNK D 186 24.08 53.67 -10.45
N UNK D 187 25.17 53.19 -11.07
CA UNK D 187 26.40 53.96 -11.01
C UNK D 187 26.22 55.34 -11.61
N UNK D 188 25.48 55.52 -12.71
CA UNK D 188 25.44 56.84 -13.31
C UNK D 188 24.70 57.94 -12.53
N UNK D 189 23.55 57.65 -11.93
CA UNK D 189 22.86 58.68 -11.17
C UNK D 189 23.45 58.88 -9.77
N UNK D 190 24.15 57.84 -9.28
CA UNK D 190 24.93 57.93 -8.06
C UNK D 190 26.02 58.96 -8.32
N UNK D 191 26.77 58.95 -9.41
CA UNK D 191 27.80 59.96 -9.64
C UNK D 191 27.19 61.33 -9.97
N UNK D 192 25.90 61.35 -10.23
CA UNK D 192 25.22 62.58 -10.49
C UNK D 192 25.00 63.37 -9.22
N UNK D 193 25.62 63.14 -8.06
CA UNK D 193 25.26 63.83 -6.80
C UNK D 193 26.38 63.82 -5.80
N UNK D 194 26.33 64.72 -4.80
CA UNK D 194 27.45 64.83 -3.82
C UNK D 194 27.36 64.38 -2.34
N UNK D 195 26.33 64.75 -1.58
CA UNK D 195 26.26 64.24 -0.23
C UNK D 195 25.11 63.33 0.01
N UNK D 196 25.42 62.22 0.67
CA UNK D 196 24.42 61.22 1.02
C UNK D 196 24.34 61.05 2.54
N UNK D 197 23.11 60.93 2.99
CA UNK D 197 22.70 61.08 4.38
C UNK D 197 21.61 60.08 4.72
N UNK D 198 22.00 59.37 5.78
CA UNK D 198 21.22 58.38 6.50
C UNK D 198 20.82 59.24 7.66
N UNK D 199 19.53 59.50 7.78
CA UNK D 199 19.03 60.36 8.85
C UNK D 199 18.10 59.52 9.67
N UNK D 200 18.44 59.16 10.90
CA UNK D 200 17.61 58.22 11.63
C UNK D 200 17.06 58.91 12.84
N UNK D 201 15.84 58.64 13.19
CA UNK D 201 15.16 59.33 14.26
C UNK D 201 14.59 58.17 15.12
N UNK D 202 14.70 58.22 16.43
CA UNK D 202 14.35 57.12 17.32
C UNK D 202 13.99 57.86 18.59
N UNK D 203 13.12 57.29 19.42
CA UNK D 203 12.79 58.00 20.64
C UNK D 203 13.84 58.46 21.65
N UNK D 204 15.12 58.12 21.58
CA UNK D 204 16.03 58.67 22.59
C UNK D 204 16.52 60.08 22.26
N UNK D 205 15.97 60.81 21.25
CA UNK D 205 16.49 62.11 20.84
C UNK D 205 15.47 63.09 20.30
N UNK D 206 15.95 64.34 20.41
CA UNK D 206 15.29 65.54 19.93
C UNK D 206 15.81 65.87 18.54
N UNK D 207 17.04 65.48 18.33
CA UNK D 207 17.71 65.59 17.07
C UNK D 207 17.42 64.31 16.29
N UNK D 208 17.32 64.29 14.98
CA UNK D 208 17.58 63.10 14.19
C UNK D 208 19.03 62.72 14.36
N UNK D 209 19.45 61.48 14.55
CA UNK D 209 20.88 61.20 14.50
C UNK D 209 21.25 61.15 13.00
N UNK D 210 22.08 62.06 12.48
CA UNK D 210 22.40 62.02 11.05
C UNK D 210 23.90 61.69 10.83
N UNK D 211 24.10 61.00 9.72
CA UNK D 211 25.40 60.54 9.34
C UNK D 211 25.42 60.82 7.85
N UNK D 212 26.57 61.21 7.29
CA UNK D 212 26.72 61.61 5.89
C UNK D 212 28.13 61.56 5.36
N UNK D 213 28.33 61.17 4.14
CA UNK D 213 29.63 61.26 3.55
C UNK D 213 29.43 62.31 2.49
N UNK D 214 30.44 62.57 1.64
CA UNK D 214 30.39 63.65 0.64
C UNK D 214 31.40 63.15 -0.37
N UNK D 215 30.97 62.68 -1.56
CA UNK D 215 31.90 62.13 -2.54
C UNK D 215 33.13 63.03 -2.89
N UNK D 216 33.16 64.36 -2.66
CA UNK D 216 34.35 65.22 -2.80
C UNK D 216 35.41 64.92 -1.72
N UNK D 217 35.04 64.27 -0.63
CA UNK D 217 35.90 63.97 0.47
C UNK D 217 36.16 62.47 0.67
N UNK E 1 17.29 10.30 20.30
CA UNK E 1 16.46 9.45 21.14
C UNK E 1 15.26 9.40 20.22
N UNK E 2 14.08 9.99 20.46
CA UNK E 2 13.13 10.19 19.36
C UNK E 2 13.90 11.00 18.29
N UNK E 3 13.77 10.76 16.97
CA UNK E 3 14.57 11.52 16.01
C UNK E 3 14.05 11.70 14.58
N UNK E 4 13.76 12.92 14.21
CA UNK E 4 13.12 13.16 12.93
C UNK E 4 13.99 13.96 11.97
N UNK E 5 14.94 13.41 11.22
CA UNK E 5 15.70 14.24 10.30
C UNK E 5 15.19 14.23 8.84
N UNK E 6 14.67 15.38 8.41
CA UNK E 6 14.13 15.47 7.06
C UNK E 6 15.18 15.87 6.08
N UNK E 7 14.97 15.53 4.82
CA UNK E 7 15.96 15.62 3.74
C UNK E 7 15.23 15.85 2.40
N UNK E 8 15.82 16.48 1.39
CA UNK E 8 15.09 16.65 0.14
C UNK E 8 14.82 18.08 -0.30
N UNK E 9 15.16 19.10 0.52
CA UNK E 9 14.93 20.51 0.18
C UNK E 9 15.59 20.89 -1.14
N UNK E 10 15.43 22.13 -1.60
CA UNK E 10 16.06 22.51 -2.87
C UNK E 10 15.52 23.80 -3.48
N UNK E 11 16.09 24.21 -4.64
CA UNK E 11 15.59 25.34 -5.42
C UNK E 11 14.79 24.68 -6.53
N UNK E 12 13.57 25.09 -6.80
CA UNK E 12 12.74 24.50 -7.83
C UNK E 12 11.98 25.62 -8.56
N UNK E 13 11.80 25.35 -9.87
CA UNK E 13 11.13 26.32 -10.75
C UNK E 13 9.65 26.12 -10.57
N UNK E 14 8.87 27.11 -10.90
CA UNK E 14 7.45 27.00 -10.70
C UNK E 14 6.86 25.90 -11.53
N UNK E 15 5.93 25.19 -10.87
CA UNK E 15 5.16 24.12 -11.48
C UNK E 15 5.83 22.80 -11.26
N UNK E 16 7.09 22.91 -10.84
CA UNK E 16 7.95 21.77 -10.58
C UNK E 16 7.59 20.91 -9.38
N UNK E 17 8.52 19.98 -9.09
CA UNK E 17 8.36 18.91 -8.12
C UNK E 17 9.66 18.50 -7.44
N UNK E 18 9.45 18.08 -6.18
CA UNK E 18 10.38 17.59 -5.17
C UNK E 18 9.57 16.56 -4.33
N UNK E 19 10.32 15.70 -3.64
CA UNK E 19 9.77 14.75 -2.69
C UNK E 19 10.68 14.86 -1.45
N UNK E 20 10.15 15.21 -0.28
CA UNK E 20 10.94 15.23 0.94
C UNK E 20 10.87 13.88 1.67
N UNK E 21 11.81 13.57 2.56
CA UNK E 21 11.73 12.38 3.45
C UNK E 21 11.97 12.86 4.88
N UNK E 22 11.26 12.26 5.83
CA UNK E 22 11.46 12.41 7.24
C UNK E 22 11.97 11.04 7.65
N UNK E 23 13.26 10.88 7.88
CA UNK E 23 13.83 9.65 8.33
C UNK E 23 13.79 9.62 9.86
N UNK E 24 13.29 8.54 10.42
CA UNK E 24 12.99 8.47 11.82
C UNK E 24 13.88 7.53 12.63
N UNK E 25 14.05 7.84 13.90
CA UNK E 25 14.83 7.01 14.80
C UNK E 25 14.27 7.14 16.25
N UNK E 26 14.58 6.24 17.18
CA UNK E 26 14.30 6.34 18.61
C UNK E 26 12.88 6.37 19.14
N UNK E 27 12.01 5.61 18.49
CA UNK E 27 10.63 5.39 18.94
C UNK E 27 10.03 4.32 18.00
N UNK E 28 8.84 3.72 18.32
CA UNK E 28 8.24 2.83 17.36
C UNK E 28 7.46 3.67 16.40
N UNK E 29 8.05 3.99 15.22
CA UNK E 29 7.41 4.79 14.15
C UNK E 29 6.11 4.14 13.66
N UNK E 30 6.17 2.85 13.26
CA UNK E 30 5.05 2.14 12.67
C UNK E 30 3.84 2.19 13.54
N UNK E 31 3.96 2.51 14.85
CA UNK E 31 2.71 2.70 15.55
C UNK E 31 2.43 4.15 16.04
N UNK E 32 2.80 5.20 15.27
CA UNK E 32 2.43 6.58 15.59
C UNK E 32 1.92 7.39 14.40
N UNK E 33 0.94 8.30 14.53
CA UNK E 33 0.50 9.15 13.44
C UNK E 33 1.50 10.25 13.14
N UNK E 34 1.74 10.67 11.89
CA UNK E 34 2.77 11.67 11.56
C UNK E 34 2.41 13.03 10.86
N UNK E 35 2.99 14.25 11.09
CA UNK E 35 2.59 15.47 10.34
C UNK E 35 3.75 16.25 9.73
N UNK E 36 3.41 17.08 8.73
CA UNK E 36 4.34 18.02 8.11
C UNK E 36 3.65 19.32 8.34
N UNK E 37 4.39 20.30 8.80
CA UNK E 37 3.95 21.65 9.10
C UNK E 37 5.03 22.40 8.33
N UNK E 38 4.79 23.61 7.76
CA UNK E 38 5.84 24.39 7.10
C UNK E 38 5.99 25.69 7.80
N UNK E 39 7.09 26.36 7.67
CA UNK E 39 7.17 27.70 8.22
C UNK E 39 7.46 28.77 7.16
N UNK E 40 6.55 29.70 6.87
CA UNK E 40 6.78 30.59 5.74
C UNK E 40 7.82 31.66 6.05
N UNK E 41 8.54 32.25 5.05
CA UNK E 41 9.41 33.41 5.18
C UNK E 41 9.00 34.43 6.24
N UNK E 42 7.70 34.83 6.21
CA UNK E 42 7.29 35.87 7.10
C UNK E 42 6.90 35.24 8.39
N UNK E 43 7.65 34.18 8.77
CA UNK E 43 7.60 33.40 9.99
C UNK E 43 6.24 32.91 10.47
N UNK E 44 5.31 32.58 9.57
CA UNK E 44 4.04 32.00 10.05
C UNK E 44 3.85 30.57 9.54
N UNK E 45 3.19 29.78 10.38
CA UNK E 45 3.24 28.33 10.37
C UNK E 45 1.95 27.73 9.87
N UNK E 46 2.05 26.89 8.88
CA UNK E 46 0.87 26.35 8.28
C UNK E 46 1.05 24.89 8.45
N UNK E 47 -0.01 24.19 8.76
CA UNK E 47 0.03 22.73 8.81
C UNK E 47 0.01 22.24 7.38
N UNK E 48 0.59 21.11 7.05
CA UNK E 48 0.62 20.65 5.68
C UNK E 48 -0.19 19.39 5.48
N UNK E 49 0.04 18.32 6.18
CA UNK E 49 -0.74 17.09 6.07
C UNK E 49 -0.47 16.16 7.29
N UNK E 50 -1.37 15.19 7.53
CA UNK E 50 -1.23 14.19 8.58
C UNK E 50 -1.54 12.84 8.01
N UNK E 51 -0.67 11.87 8.26
CA UNK E 51 -0.94 10.52 7.85
C UNK E 51 -1.26 9.70 9.09
N UNK E 52 -2.26 8.85 9.00
CA UNK E 52 -2.60 7.97 10.08
C UNK E 52 -1.70 6.80 10.31
N UNK E 53 -1.57 6.70 11.61
CA UNK E 53 -1.08 5.56 12.39
C UNK E 53 -0.42 4.39 11.67
N UNK E 54 0.59 4.65 10.85
CA UNK E 54 1.30 3.59 10.23
C UNK E 54 0.44 2.82 9.26
N UNK E 55 -0.48 3.48 8.53
CA UNK E 55 -1.40 2.83 7.58
C UNK E 55 -1.97 3.96 6.78
N UNK E 56 -3.26 4.17 6.45
CA UNK E 56 -3.68 5.46 5.90
C UNK E 56 -5.16 5.81 6.03
N UNK E 57 -5.24 7.08 6.39
CA UNK E 57 -6.34 7.99 6.61
C UNK E 57 -5.42 9.20 6.60
N UNK E 58 -5.54 9.97 5.53
CA UNK E 58 -4.65 11.07 5.23
C UNK E 58 -5.56 12.29 5.36
N UNK E 59 -5.05 13.47 5.76
CA UNK E 59 -5.86 14.67 6.03
C UNK E 59 -5.11 15.86 5.46
N UNK E 60 -5.79 16.84 4.87
CA UNK E 60 -5.09 18.00 4.30
C UNK E 60 -5.92 19.24 4.44
N UNK E 61 -5.27 20.40 4.52
CA UNK E 61 -5.94 21.68 4.39
C UNK E 61 -6.27 21.91 2.92
N UNK E 62 -7.22 22.80 2.58
CA UNK E 62 -7.46 23.20 1.15
C UNK E 62 -6.30 23.66 0.19
N UNK E 63 -5.36 24.53 0.55
CA UNK E 63 -4.29 24.96 -0.32
C UNK E 63 -3.42 23.86 -0.99
N UNK E 64 -3.48 22.65 -0.44
CA UNK E 64 -2.51 21.63 -0.76
C UNK E 64 -3.26 20.46 -1.26
N UNK E 65 -4.60 20.38 -1.13
CA UNK E 65 -5.29 19.18 -1.58
C UNK E 65 -5.20 19.19 -3.09
N UNK E 66 -4.82 18.04 -3.66
CA UNK E 66 -4.71 17.92 -5.10
C UNK E 66 -3.24 17.97 -5.47
N UNK E 67 -2.45 18.85 -4.85
CA UNK E 67 -1.04 19.04 -5.22
C UNK E 67 0.00 18.27 -4.41
N UNK E 68 -0.16 18.19 -3.04
CA UNK E 68 0.69 17.47 -2.07
C UNK E 68 0.22 16.08 -1.52
N UNK E 69 1.09 15.07 -1.32
CA UNK E 69 0.72 13.74 -0.84
C UNK E 69 1.62 13.30 0.30
N UNK E 70 1.00 12.87 1.42
CA UNK E 70 1.76 12.41 2.58
C UNK E 70 1.66 10.91 2.54
N UNK E 71 2.79 10.26 2.72
CA UNK E 71 2.87 8.79 2.58
C UNK E 71 3.95 8.37 3.53
N UNK E 72 3.90 7.13 3.99
CA UNK E 72 4.84 6.69 5.01
C UNK E 72 5.26 5.31 4.64
N UNK E 73 6.47 4.97 5.07
CA UNK E 73 7.01 3.67 4.83
C UNK E 73 7.56 3.17 6.16
N UNK E 74 6.63 2.51 6.85
CA UNK E 74 6.84 1.74 8.06
C UNK E 74 7.93 0.68 7.91
N UNK E 75 8.24 0.29 6.69
CA UNK E 75 9.20 -0.78 6.56
C UNK E 75 10.57 -0.17 6.78
N UNK E 76 10.73 1.07 6.39
CA UNK E 76 12.06 1.59 6.58
C UNK E 76 12.10 3.01 7.09
N UNK E 77 11.10 3.15 7.97
CA UNK E 77 10.86 4.26 8.87
C UNK E 77 11.02 5.66 8.26
N UNK E 78 10.49 5.83 7.05
CA UNK E 78 10.61 7.11 6.36
C UNK E 78 9.27 7.66 5.84
N UNK E 79 9.01 8.93 6.23
CA UNK E 79 7.75 9.69 5.92
C UNK E 79 8.10 10.53 4.73
N UNK E 80 7.12 10.81 3.86
CA UNK E 80 7.38 11.52 2.63
C UNK E 80 6.30 12.51 2.44
N UNK E 81 6.63 13.56 1.73
CA UNK E 81 5.71 14.59 1.31
C UNK E 81 6.19 14.76 -0.11
N UNK E 82 5.43 14.20 -1.08
CA UNK E 82 5.68 14.43 -2.50
C UNK E 82 4.85 15.67 -2.79
N UNK E 83 5.41 16.54 -3.59
CA UNK E 83 4.81 17.83 -3.82
C UNK E 83 4.80 18.11 -5.32
N UNK E 84 3.63 18.26 -5.90
CA UNK E 84 3.60 18.62 -7.29
C UNK E 84 2.88 19.95 -7.40
N UNK E 85 3.24 20.65 -8.48
CA UNK E 85 2.78 21.99 -8.84
C UNK E 85 3.06 23.01 -7.78
N UNK E 86 4.36 23.17 -7.61
CA UNK E 86 4.87 24.13 -6.70
C UNK E 86 4.52 25.53 -7.19
N UNK E 87 3.61 26.07 -6.38
CA UNK E 87 3.22 27.46 -6.44
C UNK E 87 4.29 28.23 -5.68
N UNK E 88 4.79 29.41 -6.08
CA UNK E 88 5.77 30.21 -5.32
C UNK E 88 5.34 30.47 -3.88
N UNK E 89 4.08 30.38 -3.51
CA UNK E 89 3.60 30.55 -2.17
C UNK E 89 4.17 29.48 -1.26
N UNK E 90 4.54 28.34 -1.89
CA UNK E 90 5.12 27.14 -1.29
C UNK E 90 6.59 27.17 -0.84
N UNK E 91 7.31 28.26 -1.12
CA UNK E 91 8.64 28.59 -0.57
C UNK E 91 8.51 28.69 0.93
N UNK E 92 8.70 27.57 1.57
CA UNK E 92 8.77 27.52 3.02
C UNK E 92 9.80 26.51 3.52
N UNK E 93 9.98 26.39 4.83
CA UNK E 93 10.99 25.57 5.54
C UNK E 93 10.08 24.48 6.07
N UNK E 94 10.29 23.22 5.70
CA UNK E 94 9.35 22.14 6.03
C UNK E 94 9.80 21.26 7.19
N UNK E 95 8.89 21.03 8.18
CA UNK E 95 9.21 20.21 9.39
C UNK E 95 8.36 18.96 9.60
N UNK E 96 9.02 17.88 9.99
CA UNK E 96 8.42 16.57 10.22
C UNK E 96 8.18 16.48 11.69
N UNK E 97 6.91 16.35 12.06
CA UNK E 97 6.48 16.44 13.44
C UNK E 97 5.89 15.10 13.86
N UNK E 98 6.15 14.58 15.06
CA UNK E 98 5.53 13.32 15.44
C UNK E 98 4.20 13.82 15.98
N UNK E 99 3.07 13.36 15.43
CA UNK E 99 1.79 13.99 15.72
C UNK E 99 1.01 13.48 16.89
N UNK E 100 1.29 12.21 17.17
CA UNK E 100 0.47 11.53 18.11
C UNK E 100 1.25 10.62 19.05
N UNK E 101 0.77 10.54 20.31
CA UNK E 101 1.29 9.61 21.30
C UNK E 101 0.15 9.07 22.14
N UNK E 102 -0.17 9.49 23.36
CA UNK E 102 -1.28 8.85 24.05
C UNK E 102 -2.64 9.46 23.74
N UNK E 103 -2.53 10.64 23.19
CA UNK E 103 -3.69 11.44 23.02
C UNK E 103 -3.33 12.58 22.13
N UNK E 104 -4.17 13.61 22.20
CA UNK E 104 -3.89 14.79 21.44
C UNK E 104 -3.37 15.72 22.51
N UNK E 105 -2.12 16.11 22.22
CA UNK E 105 -1.25 16.77 23.15
C UNK E 105 -0.25 17.69 22.45
N UNK E 106 -0.74 18.35 21.40
CA UNK E 106 0.16 19.26 20.69
C UNK E 106 0.91 18.42 19.67
N UNK E 107 1.96 19.01 19.19
CA UNK E 107 2.89 18.48 18.24
C UNK E 107 4.16 18.52 19.12
N UNK E 108 4.55 17.49 19.90
CA UNK E 108 5.80 17.58 20.66
C UNK E 108 6.75 16.76 19.85
N UNK E 109 8.02 17.09 19.83
CA UNK E 109 9.02 16.47 19.00
C UNK E 109 8.70 16.87 17.55
N UNK E 110 9.51 17.82 17.11
CA UNK E 110 9.47 18.39 15.81
C UNK E 110 10.83 18.12 15.23
N UNK E 111 10.91 17.88 13.94
CA UNK E 111 12.15 17.68 13.26
C UNK E 111 12.86 19.02 13.16
N UNK E 112 13.91 18.91 12.34
CA UNK E 112 14.72 20.05 12.19
C UNK E 112 14.50 20.91 10.93
N UNK E 113 13.91 20.43 9.83
CA UNK E 113 13.70 21.25 8.60
C UNK E 113 14.55 21.01 7.33
N UNK E 114 13.96 21.37 6.21
CA UNK E 114 14.64 21.41 4.92
C UNK E 114 13.96 22.57 4.27
N UNK E 115 14.68 23.43 3.58
CA UNK E 115 14.02 24.57 2.95
C UNK E 115 13.64 24.22 1.51
N UNK E 116 12.54 24.80 1.03
CA UNK E 116 12.20 24.69 -0.38
C UNK E 116 12.19 26.13 -0.84
N UNK E 117 12.78 26.32 -2.00
CA UNK E 117 12.84 27.64 -2.55
C UNK E 117 12.24 27.42 -3.93
N UNK E 118 11.00 27.88 -4.15
CA UNK E 118 10.37 27.79 -5.47
C UNK E 118 10.67 29.10 -6.10
N UNK E 119 11.62 29.09 -7.02
CA UNK E 119 11.89 30.29 -7.74
C UNK E 119 12.47 29.93 -9.07
N UNK E 120 12.01 30.74 -10.01
CA UNK E 120 12.45 30.62 -11.37
C UNK E 120 13.83 31.23 -11.54
N UNK E 121 13.49 30.94 -10.27
CA UNK E 121 14.84 31.55 -10.42
C UNK E 121 15.79 30.44 -10.06
N UNK E 122 16.99 30.33 -10.64
CA UNK E 122 17.87 29.26 -10.21
C UNK E 122 19.17 29.89 -9.85
N UNK E 123 19.74 29.11 -8.95
CA UNK E 123 20.98 29.32 -8.27
C UNK E 123 21.89 30.39 -8.81
N UNK E 124 21.85 31.52 -8.14
CA UNK E 124 22.83 32.49 -8.49
C UNK E 124 23.83 32.66 -7.34
N UNK E 125 25.09 32.79 -7.65
CA UNK E 125 26.13 33.00 -6.66
C UNK E 125 26.11 34.41 -6.02
N UNK E 126 26.80 34.72 -4.92
CA UNK E 126 26.74 36.02 -4.22
C UNK E 126 27.79 37.07 -4.50
N UNK E 127 27.53 38.35 -4.65
CA UNK E 127 28.62 39.29 -4.90
C UNK E 127 28.88 39.89 -3.55
N UNK E 128 30.12 39.83 -3.14
CA UNK E 128 30.52 40.34 -1.85
C UNK E 128 31.46 41.56 -2.06
N UNK E 129 30.98 42.64 -1.51
CA UNK E 129 31.64 43.89 -1.60
C UNK E 129 32.03 44.21 -0.16
N UNK E 130 33.28 44.44 0.16
CA UNK E 130 33.72 45.06 1.40
C UNK E 130 33.12 46.44 1.62
N UNK E 131 32.62 46.64 2.82
CA UNK E 131 32.04 47.89 3.26
C UNK E 131 33.11 48.38 4.21
N UNK E 132 34.06 49.15 3.71
CA UNK E 132 35.04 49.77 4.57
C UNK E 132 34.52 51.19 4.76
N UNK E 133 34.84 52.01 5.76
CA UNK E 133 34.31 53.36 5.85
C UNK E 133 35.02 54.34 4.94
N UNK E 134 34.32 55.46 4.65
CA UNK E 134 34.96 56.60 4.03
C UNK E 134 36.13 57.05 4.91
N UNK E 135 36.93 58.00 4.44
CA UNK E 135 38.02 58.63 5.20
C UNK E 135 37.50 59.24 6.54
N UNK E 136 36.37 59.97 6.53
CA UNK E 136 35.83 60.66 7.69
C UNK E 136 35.22 59.82 8.83
N UNK E 137 35.41 58.50 8.86
CA UNK E 137 34.78 57.69 9.89
C UNK E 137 35.73 56.98 10.85
N UNK E 138 37.04 57.02 10.64
CA UNK E 138 37.96 56.35 11.55
C UNK E 138 38.17 57.26 12.75
N UNK E 139 37.52 56.98 13.87
CA UNK E 139 37.61 57.83 15.06
C UNK E 139 37.21 57.08 16.33
N UNK E 140 37.16 57.80 17.45
CA UNK E 140 36.75 57.30 18.77
C UNK E 140 37.57 56.12 19.28
N UNK E 141 37.11 54.85 19.34
CA UNK E 141 37.89 53.73 19.84
C UNK E 141 37.42 52.44 19.13
N UNK E 142 36.11 52.16 19.07
CA UNK E 142 35.64 51.02 18.28
C UNK E 142 35.30 51.61 16.92
N UNK E 143 35.33 50.81 15.87
CA UNK E 143 35.29 51.23 14.47
C UNK E 143 34.51 50.12 13.83
N UNK E 144 33.31 50.38 13.27
CA UNK E 144 32.47 49.33 12.65
C UNK E 144 32.83 49.10 11.19
N UNK E 145 32.87 47.88 10.72
CA UNK E 145 33.27 47.53 9.36
C UNK E 145 32.18 46.61 8.83
N UNK E 146 32.04 46.38 7.52
CA UNK E 146 30.88 45.62 7.05
C UNK E 146 31.15 44.78 5.85
N UNK E 147 30.16 43.97 5.45
CA UNK E 147 30.22 43.04 4.31
C UNK E 147 28.88 43.07 3.58
N UNK E 148 28.88 43.41 2.26
CA UNK E 148 27.70 43.50 1.42
C UNK E 148 27.66 42.31 0.51
N UNK E 149 26.72 41.37 0.72
CA UNK E 149 26.60 40.17 -0.12
C UNK E 149 25.46 40.52 -1.04
N UNK E 150 25.47 40.35 -2.33
CA UNK E 150 24.35 40.76 -3.13
C UNK E 150 23.88 39.59 -3.93
N UNK E 151 22.65 39.77 -4.39
CA UNK E 151 21.87 38.95 -5.31
C UNK E 151 22.43 37.63 -5.61
N UNK E 152 21.89 36.73 -4.82
CA UNK E 152 22.21 35.31 -4.79
C UNK E 152 20.85 34.67 -4.64
N UNK E 153 20.79 33.37 -4.89
CA UNK E 153 19.61 32.52 -4.82
C UNK E 153 20.15 31.08 -4.88
N UNK E 154 19.54 30.03 -4.22
CA UNK E 154 18.60 30.15 -3.06
C UNK E 154 19.25 30.65 -1.78
N UNK E 155 18.45 30.79 -0.74
CA UNK E 155 18.96 31.14 0.58
C UNK E 155 19.53 29.81 1.07
N UNK E 156 20.78 29.70 1.62
CA UNK E 156 21.48 30.68 2.47
C UNK E 156 22.84 31.09 2.09
N UNK E 157 23.35 32.13 2.71
CA UNK E 157 24.78 32.38 2.75
C UNK E 157 25.18 32.37 4.24
N UNK E 158 26.33 31.82 4.65
CA UNK E 158 26.81 31.96 6.02
C UNK E 158 27.96 32.95 6.08
N UNK E 159 27.77 34.14 6.67
CA UNK E 159 28.85 35.12 6.77
C UNK E 159 29.55 34.83 8.11
N UNK E 160 30.87 34.81 8.06
CA UNK E 160 31.75 34.54 9.16
C UNK E 160 32.77 35.68 9.06
N UNK E 161 33.28 36.22 10.19
CA UNK E 161 34.39 37.15 10.07
C UNK E 161 35.62 36.49 10.72
N UNK E 162 36.69 36.53 9.93
CA UNK E 162 38.02 36.01 10.23
C UNK E 162 38.02 34.54 10.58
N UNK E 163 37.43 33.76 9.69
CA UNK E 163 37.29 32.31 9.81
C UNK E 163 36.79 31.83 11.17
N UNK E 164 36.13 32.68 11.96
CA UNK E 164 35.70 32.32 13.29
C UNK E 164 36.04 33.43 14.26
N UNK E 165 37.32 33.88 14.35
CA UNK E 165 37.78 34.85 15.34
C UNK E 165 36.85 36.01 15.75
N UNK E 166 36.38 36.90 14.87
CA UNK E 166 35.66 38.06 15.34
C UNK E 166 34.18 37.71 15.36
N UNK E 167 33.92 36.85 16.32
CA UNK E 167 32.62 36.29 16.61
C UNK E 167 31.94 37.12 17.67
N UNK E 168 32.60 38.25 17.96
CA UNK E 168 32.31 39.16 19.08
C UNK E 168 31.27 40.14 18.58
N UNK E 169 31.34 41.46 18.65
CA UNK E 169 30.26 42.34 18.20
C UNK E 169 30.00 42.35 16.68
N UNK E 170 29.51 41.22 16.12
CA UNK E 170 29.15 41.09 14.75
C UNK E 170 27.67 40.81 14.76
N UNK E 171 27.00 41.66 13.94
CA UNK E 171 25.58 41.70 13.63
C UNK E 171 25.38 41.29 12.21
N UNK E 172 24.60 40.25 12.01
CA UNK E 172 24.29 39.86 10.64
C UNK E 172 22.78 39.92 10.48
N UNK E 173 22.41 40.77 9.55
CA UNK E 173 21.02 41.10 9.34
C UNK E 173 20.32 40.11 8.45
N UNK E 174 19.03 39.84 8.69
CA UNK E 174 18.10 39.10 7.82
C UNK E 174 18.09 39.36 6.30
N UNK E 175 18.00 38.28 5.51
CA UNK E 175 18.10 38.42 4.06
C UNK E 175 16.85 39.10 3.50
N UNK E 176 16.89 39.80 2.38
CA UNK E 176 15.67 40.41 1.83
C UNK E 176 15.67 40.22 0.29
N UNK E 177 14.50 40.07 -0.37
CA UNK E 177 14.42 39.95 -1.85
C UNK E 177 14.40 41.24 -2.62
N UNK E 178 15.55 41.73 -2.95
CA UNK E 178 15.65 42.87 -3.87
C UNK E 178 15.28 42.02 -5.08
N UNK E 179 14.16 42.23 -5.77
CA UNK E 179 13.92 41.56 -7.04
C UNK E 179 13.98 40.06 -7.05
N UNK E 180 13.22 39.15 -6.42
CA UNK E 180 13.58 37.69 -6.45
C UNK E 180 15.08 37.16 -6.41
N UNK E 181 16.07 37.89 -5.83
CA UNK E 181 17.41 37.41 -5.66
C UNK E 181 17.85 38.23 -4.47
N UNK E 182 18.30 37.50 -3.42
CA UNK E 182 18.60 38.15 -2.11
C UNK E 182 19.73 39.19 -1.87
N UNK E 183 19.53 40.15 -0.98
CA UNK E 183 20.70 40.84 -0.37
C UNK E 183 20.87 40.46 1.11
N UNK E 184 22.07 40.58 1.69
CA UNK E 184 22.38 40.19 3.06
C UNK E 184 23.57 41.01 3.53
N UNK E 185 23.52 41.79 4.61
CA UNK E 185 24.72 42.48 5.09
C UNK E 185 25.15 41.97 6.49
N UNK E 186 26.41 42.16 6.89
CA UNK E 186 26.93 41.73 8.16
C UNK E 186 27.86 42.83 8.59
N UNK E 187 27.80 43.44 9.78
CA UNK E 187 28.81 44.40 10.29
C UNK E 187 29.70 43.91 11.46
N UNK E 188 31.03 44.13 11.69
CA UNK E 188 31.81 43.75 12.91
C UNK E 188 32.28 45.05 13.51
N UNK E 189 32.18 45.28 14.81
CA UNK E 189 32.86 46.45 15.42
C UNK E 189 34.30 46.05 15.81
N UNK E 190 35.25 46.92 15.58
CA UNK E 190 36.65 46.57 15.79
C UNK E 190 37.34 47.66 16.56
N UNK E 191 38.36 47.49 17.42
CA UNK E 191 39.08 48.62 17.96
C UNK E 191 39.87 49.21 16.83
N UNK E 192 39.97 50.53 16.70
CA UNK E 192 40.82 51.08 15.67
C UNK E 192 42.19 51.02 16.23
N UNK E 193 42.94 50.19 15.51
CA UNK E 193 44.36 49.88 15.74
C UNK E 193 44.39 48.52 15.07
N UNK E 194 43.59 47.60 15.67
CA UNK E 194 43.31 46.26 15.21
C UNK E 194 43.18 46.43 13.71
N UNK E 195 42.29 47.27 13.21
CA UNK E 195 42.30 47.60 11.81
C UNK E 195 42.79 49.03 11.79
N UNK E 196 43.51 49.52 10.77
CA UNK E 196 44.00 48.76 9.59
C UNK E 196 45.15 47.80 9.75
N UNK E 197 45.85 47.86 10.87
CA UNK E 197 47.05 47.07 11.03
C UNK E 197 46.85 45.55 10.95
N UNK E 198 45.65 45.06 11.23
CA UNK E 198 45.36 43.64 11.30
C UNK E 198 44.22 43.46 10.33
N UNK E 199 44.32 42.40 9.54
CA UNK E 199 43.44 42.15 8.42
C UNK E 199 42.05 41.67 8.77
N UNK E 200 41.00 42.48 8.68
CA UNK E 200 39.66 41.91 8.88
C UNK E 200 39.18 41.32 7.57
N UNK E 201 38.84 40.04 7.59
CA UNK E 201 38.41 39.33 6.40
C UNK E 201 37.00 38.76 6.57
N UNK E 202 36.22 38.75 5.47
CA UNK E 202 34.82 38.34 5.43
C UNK E 202 34.71 37.00 4.72
N UNK E 203 34.11 36.07 5.42
CA UNK E 203 34.04 34.69 4.93
C UNK E 203 32.60 34.47 4.52
N UNK E 204 32.38 34.31 3.23
CA UNK E 204 31.02 34.25 2.68
C UNK E 204 30.83 32.91 2.05
N UNK E 205 29.91 32.10 2.56
CA UNK E 205 29.71 30.78 1.99
C UNK E 205 28.32 30.62 1.50
N UNK E 206 28.20 30.24 0.23
CA UNK E 206 26.88 30.00 -0.34
C UNK E 206 26.87 28.53 -0.72
N UNK E 207 26.34 27.68 0.20
CA UNK E 207 26.19 26.25 0.05
C UNK E 207 25.73 25.89 -1.35
N UNK E 208 24.52 26.32 -1.68
CA UNK E 208 23.91 26.06 -2.97
C UNK E 208 24.76 26.20 -4.26
N UNK E 209 25.54 27.27 -4.47
CA UNK E 209 26.31 27.33 -5.69
C UNK E 209 27.78 26.89 -5.54
N UNK E 210 28.17 26.28 -4.41
CA UNK E 210 29.51 25.80 -4.19
C UNK E 210 30.51 26.96 -4.30
N UNK E 211 30.17 28.02 -3.56
CA UNK E 211 30.93 29.26 -3.50
C UNK E 211 31.34 29.48 -2.05
N UNK E 212 32.62 29.89 -1.85
CA UNK E 212 33.10 30.52 -0.61
C UNK E 212 33.81 31.75 -1.17
N UNK E 213 33.72 32.94 -0.62
CA UNK E 213 34.29 34.12 -1.24
C UNK E 213 34.83 34.85 -0.04
N UNK E 214 36.09 35.26 -0.12
CA UNK E 214 36.66 35.98 1.01
C UNK E 214 37.17 37.31 0.53
N UNK E 215 36.61 38.33 1.13
CA UNK E 215 37.01 39.65 0.79
C UNK E 215 37.70 40.27 2.00
N UNK E 216 38.81 40.90 1.75
CA UNK E 216 39.53 41.63 2.77
C UNK E 216 38.92 43.02 2.86
N UNK E 217 38.90 43.63 4.02
CA UNK E 217 38.60 45.05 4.16
C UNK E 217 39.95 45.83 4.28
N UNK E 218 40.16 46.62 3.22
CA UNK E 218 41.31 47.46 2.88
C UNK E 218 40.75 48.88 2.79
N UNK E 219 41.31 49.89 3.45
CA UNK E 219 40.72 51.20 3.66
C UNK E 219 40.70 52.34 2.64
N UNK E 220 39.84 53.36 2.97
CA UNK E 220 39.77 54.76 2.49
C UNK E 220 38.38 55.31 2.16
#